data_3PND
#
_entry.id   3PND
#
_cell.length_a   65.103
_cell.length_b   120.850
_cell.length_c   212.058
_cell.angle_alpha   90.000
_cell.angle_beta   90.000
_cell.angle_gamma   90.000
#
_symmetry.space_group_name_H-M   'P 21 21 21'
#
loop_
_entity.id
_entity.type
_entity.pdbx_description
1 polymer 'Thiamine biosynthesis lipoprotein ApbE'
2 non-polymer 'SULFATE ION'
3 non-polymer 'FLAVIN-ADENINE DINUCLEOTIDE'
4 water water
#
_entity_poly.entity_id   1
_entity_poly.type   'polypeptide(L)'
_entity_poly.pdbx_seq_one_letter_code
;MDEAPETTTASPAAQVLEGKTMGTLWRVSVVGIDAKRAAELQTKIQTQLDADDWLLSTYKNDSALMRFNHSRSLAPWPVS
EAMADIVTSALRIGAKTDGAMDITVGPLVNLWGFGPDRQPLHIPTPAQIDAAKAKTGLQHLQVIDRAGHQFLQKDLPDLY
VDLSTVGEGYAADHLARLMEQEGIARYLVSVGGALSSRGMNAQGQPWRVAIQKPTDRENAVQAIVDINGHGISTSGSYRN
YYELDGKRVSHVIDPQTGRPIEHNLVSVTVIAPTALEADGWDTGLMVLGTQKAQEVVRREGLAVFMIMKEGEGFKTWMSP
QFKTFLVSDKNHHHHHH
;
_entity_poly.pdbx_strand_id   A,B,C,D
#
# COMPACT_ATOMS: atom_id res chain seq x y z
N ALA A 13 -42.01 16.76 -8.11
CA ALA A 13 -41.46 16.20 -6.85
C ALA A 13 -40.61 17.22 -6.09
N ALA A 14 -40.22 18.29 -6.78
CA ALA A 14 -39.38 19.34 -6.19
C ALA A 14 -40.14 20.20 -5.19
N GLN A 15 -39.63 20.26 -3.97
CA GLN A 15 -40.20 21.10 -2.92
C GLN A 15 -39.47 22.45 -2.90
N VAL A 16 -40.24 23.53 -3.05
CA VAL A 16 -39.67 24.87 -3.15
C VAL A 16 -40.03 25.70 -1.92
N LEU A 17 -39.03 26.36 -1.34
CA LEU A 17 -39.20 27.17 -0.14
C LEU A 17 -38.64 28.57 -0.36
N GLU A 18 -39.33 29.57 0.17
CA GLU A 18 -38.91 30.97 0.07
C GLU A 18 -39.11 31.72 1.38
N GLY A 19 -38.42 32.85 1.51
CA GLY A 19 -38.54 33.69 2.69
C GLY A 19 -37.64 34.90 2.60
N LYS A 20 -37.60 35.65 3.70
CA LYS A 20 -36.80 36.87 3.75
C LYS A 20 -35.68 36.77 4.78
N THR A 21 -34.52 37.30 4.40
CA THR A 21 -33.38 37.42 5.29
C THR A 21 -32.48 38.55 4.81
N MET A 22 -31.82 39.22 5.75
CA MET A 22 -30.80 40.23 5.44
C MET A 22 -31.31 41.31 4.49
N GLY A 23 -32.55 41.74 4.67
CA GLY A 23 -33.16 42.77 3.81
C GLY A 23 -33.29 42.38 2.35
N THR A 24 -33.33 41.08 2.08
CA THR A 24 -33.49 40.55 0.72
C THR A 24 -34.23 39.21 0.76
N LEU A 25 -34.28 38.48 -0.36
CA LEU A 25 -35.00 37.20 -0.42
C LEU A 25 -34.08 35.98 -0.47
N TRP A 26 -34.52 34.89 0.13
CA TRP A 26 -33.84 33.59 -0.02
C TRP A 26 -34.76 32.56 -0.66
N ARG A 27 -34.18 31.71 -1.50
CA ARG A 27 -34.92 30.65 -2.18
C ARG A 27 -34.18 29.33 -2.07
N VAL A 28 -34.93 28.27 -1.76
CA VAL A 28 -34.38 26.92 -1.68
C VAL A 28 -35.31 25.95 -2.42
N SER A 29 -34.72 25.13 -3.28
CA SER A 29 -35.45 24.09 -3.98
C SER A 29 -34.78 22.74 -3.72
N VAL A 30 -35.58 21.77 -3.31
CA VAL A 30 -35.08 20.48 -2.82
C VAL A 30 -35.82 19.29 -3.44
N VAL A 31 -35.06 18.33 -3.97
CA VAL A 31 -35.61 17.06 -4.45
C VAL A 31 -35.13 15.94 -3.54
N GLY A 32 -36.07 15.09 -3.10
CA GLY A 32 -35.73 13.93 -2.28
C GLY A 32 -36.52 13.80 -1.00
N ILE A 33 -37.32 14.81 -0.67
CA ILE A 33 -38.14 14.80 0.55
C ILE A 33 -39.60 15.17 0.26
N ASP A 34 -40.49 14.81 1.19
CA ASP A 34 -41.92 15.13 1.06
C ASP A 34 -42.26 16.49 1.67
N ALA A 35 -43.52 16.90 1.50
CA ALA A 35 -44.01 18.21 1.93
C ALA A 35 -43.85 18.47 3.43
N LYS A 36 -44.17 17.47 4.25
CA LYS A 36 -44.09 17.57 5.71
C LYS A 36 -42.69 17.90 6.22
N ARG A 37 -41.67 17.32 5.58
CA ARG A 37 -40.27 17.54 5.96
C ARG A 37 -39.69 18.82 5.35
N ALA A 38 -40.26 19.25 4.23
CA ALA A 38 -39.89 20.52 3.61
C ALA A 38 -40.31 21.70 4.49
N ALA A 39 -41.48 21.58 5.12
CA ALA A 39 -41.97 22.58 6.06
C ALA A 39 -41.06 22.69 7.28
N GLU A 40 -40.55 21.55 7.73
CA GLU A 40 -39.62 21.49 8.86
C GLU A 40 -38.28 22.09 8.46
N LEU A 41 -37.89 21.87 7.21
CA LEU A 41 -36.66 22.42 6.64
C LEU A 41 -36.72 23.95 6.55
N GLN A 42 -37.90 24.48 6.25
CA GLN A 42 -38.16 25.93 6.24
C GLN A 42 -37.74 26.57 7.57
N THR A 43 -38.14 25.96 8.68
CA THR A 43 -37.80 26.45 10.02
C THR A 43 -36.28 26.41 10.27
N LYS A 44 -35.64 25.33 9.83
CA LYS A 44 -34.21 25.16 10.04
C LYS A 44 -33.39 26.11 9.18
N ILE A 45 -33.89 26.38 7.97
CA ILE A 45 -33.27 27.35 7.05
C ILE A 45 -33.35 28.76 7.64
N GLN A 46 -34.54 29.12 8.11
CA GLN A 46 -34.77 30.46 8.66
C GLN A 46 -33.93 30.73 9.92
N THR A 47 -33.91 29.74 10.83
CA THR A 47 -33.12 29.83 12.06
C THR A 47 -31.65 30.10 11.76
N GLN A 48 -31.10 29.37 10.78
CA GLN A 48 -29.69 29.50 10.42
C GLN A 48 -29.40 30.83 9.76
N LEU A 49 -30.31 31.28 8.89
CA LEU A 49 -30.16 32.58 8.22
C LEU A 49 -30.31 33.75 9.19
N ASP A 50 -31.21 33.61 10.17
CA ASP A 50 -31.33 34.60 11.24
C ASP A 50 -30.03 34.73 12.03
N ALA A 51 -29.40 33.58 12.29
CA ALA A 51 -28.09 33.54 12.96
C ALA A 51 -27.01 34.23 12.13
N ASP A 52 -26.98 33.92 10.84
CA ASP A 52 -26.03 34.53 9.90
C ASP A 52 -26.22 36.04 9.83
N ASP A 53 -27.49 36.46 9.85
CA ASP A 53 -27.86 37.88 9.90
C ASP A 53 -27.34 38.51 11.20
N TRP A 54 -27.49 37.79 12.31
CA TRP A 54 -27.03 38.25 13.62
C TRP A 54 -25.52 38.22 13.80
N LEU A 55 -24.82 37.67 12.81
CA LEU A 55 -23.37 37.57 12.85
C LEU A 55 -22.73 38.65 11.97
N LEU A 56 -23.37 38.97 10.86
CA LEU A 56 -22.74 39.75 9.79
C LEU A 56 -23.37 41.11 9.47
N SER A 57 -24.56 41.37 10.01
CA SER A 57 -25.33 42.57 9.63
C SER A 57 -24.68 43.88 10.08
N THR A 58 -24.73 44.87 9.18
CA THR A 58 -24.34 46.25 9.51
C THR A 58 -25.56 47.07 9.94
N TYR A 59 -26.74 46.49 9.75
CA TYR A 59 -28.01 47.14 10.07
C TYR A 59 -28.52 46.77 11.47
N LYS A 60 -27.73 45.98 12.17
CA LYS A 60 -28.09 45.48 13.49
C LYS A 60 -26.95 45.73 14.45
N ASN A 61 -27.16 46.65 15.39
CA ASN A 61 -26.10 47.09 16.32
C ASN A 61 -25.52 46.01 17.24
N ASP A 62 -26.36 45.06 17.63
CA ASP A 62 -25.94 43.99 18.53
C ASP A 62 -25.40 42.76 17.78
N SER A 63 -25.15 42.91 16.48
CA SER A 63 -24.54 41.83 15.69
C SER A 63 -23.06 41.73 16.01
N ALA A 64 -22.50 40.54 15.77
CA ALA A 64 -21.10 40.26 16.09
C ALA A 64 -20.13 41.24 15.40
N LEU A 65 -20.42 41.55 14.13
CA LEU A 65 -19.61 42.48 13.36
C LEU A 65 -19.67 43.89 13.93
N MET A 66 -20.88 44.33 14.27
CA MET A 66 -21.13 45.68 14.74
C MET A 66 -20.58 45.90 16.15
N ARG A 67 -20.54 44.84 16.94
CA ARG A 67 -19.89 44.86 18.26
C ARG A 67 -18.38 45.07 18.13
N PHE A 68 -17.79 44.46 17.10
CA PHE A 68 -16.39 44.67 16.78
C PHE A 68 -16.14 46.09 16.28
N ASN A 69 -17.05 46.59 15.44
CA ASN A 69 -16.96 47.95 14.90
C ASN A 69 -17.15 49.05 15.94
N HIS A 70 -18.00 48.79 16.95
CA HIS A 70 -18.21 49.76 18.03
C HIS A 70 -17.14 49.68 19.12
N SER A 71 -16.28 48.66 19.04
CA SER A 71 -15.13 48.53 19.93
C SER A 71 -13.95 49.29 19.34
N ARG A 72 -13.21 49.99 20.20
CA ARG A 72 -11.99 50.67 19.75
C ARG A 72 -10.72 50.03 20.31
N SER A 73 -10.86 48.78 20.77
CA SER A 73 -9.72 47.99 21.21
C SER A 73 -8.84 47.61 20.01
N LEU A 74 -7.54 47.68 20.20
CA LEU A 74 -6.58 47.30 19.18
C LEU A 74 -6.02 45.90 19.44
N ALA A 75 -6.44 45.31 20.56
CA ALA A 75 -6.10 43.94 20.94
C ALA A 75 -7.00 42.94 20.21
N PRO A 76 -6.60 41.64 20.17
CA PRO A 76 -7.41 40.63 19.49
C PRO A 76 -8.83 40.55 20.03
N TRP A 77 -9.80 40.58 19.11
CA TRP A 77 -11.23 40.57 19.44
C TRP A 77 -11.85 39.21 19.08
N PRO A 78 -12.30 38.45 20.09
CA PRO A 78 -12.84 37.09 19.91
C PRO A 78 -14.07 37.00 19.01
N VAL A 79 -13.96 36.17 17.98
CA VAL A 79 -15.04 35.94 17.02
C VAL A 79 -15.20 34.44 16.75
N SER A 80 -16.29 34.07 16.09
CA SER A 80 -16.56 32.67 15.76
C SER A 80 -15.65 32.19 14.62
N GLU A 81 -15.55 30.87 14.47
CA GLU A 81 -14.80 30.25 13.38
C GLU A 81 -15.25 30.77 12.03
N ALA A 82 -16.56 30.83 11.83
CA ALA A 82 -17.16 31.31 10.58
C ALA A 82 -16.76 32.75 10.31
N MET A 83 -16.85 33.60 11.33
CA MET A 83 -16.48 35.01 11.20
C MET A 83 -15.04 35.16 10.73
N ALA A 84 -14.14 34.41 11.35
CA ALA A 84 -12.71 34.44 11.04
C ALA A 84 -12.43 34.03 9.60
N ASP A 85 -13.09 32.95 9.16
CA ASP A 85 -12.90 32.42 7.81
C ASP A 85 -13.53 33.33 6.75
N ILE A 86 -14.69 33.91 7.05
CA ILE A 86 -15.35 34.88 6.18
C ILE A 86 -14.42 36.08 5.91
N VAL A 87 -13.85 36.63 6.99
CA VAL A 87 -12.97 37.78 6.88
C VAL A 87 -11.65 37.41 6.18
N THR A 88 -11.12 36.23 6.51
CA THR A 88 -9.93 35.70 5.84
C THR A 88 -10.13 35.64 4.32
N SER A 89 -11.25 35.07 3.91
CA SER A 89 -11.62 34.99 2.49
C SER A 89 -11.79 36.37 1.86
N ALA A 90 -12.39 37.29 2.62
CA ALA A 90 -12.67 38.65 2.14
C ALA A 90 -11.41 39.48 1.94
N LEU A 91 -10.47 39.37 2.87
CA LEU A 91 -9.19 40.08 2.79
C LEU A 91 -8.38 39.61 1.59
N ARG A 92 -8.39 38.30 1.35
CA ARG A 92 -7.67 37.70 0.24
C ARG A 92 -8.21 38.16 -1.11
N ILE A 93 -9.54 38.15 -1.25
CA ILE A 93 -10.21 38.69 -2.43
C ILE A 93 -9.86 40.17 -2.60
N GLY A 94 -9.84 40.89 -1.48
CA GLY A 94 -9.38 42.28 -1.46
C GLY A 94 -8.03 42.47 -2.14
N ALA A 95 -7.07 41.62 -1.78
CA ALA A 95 -5.71 41.68 -2.34
C ALA A 95 -5.64 41.27 -3.81
N LYS A 96 -6.42 40.26 -4.19
CA LYS A 96 -6.43 39.75 -5.56
C LYS A 96 -7.20 40.64 -6.55
N THR A 97 -7.95 41.59 -6.02
CA THR A 97 -8.64 42.60 -6.84
C THR A 97 -7.88 43.92 -6.84
N ASP A 98 -6.67 43.91 -6.28
CA ASP A 98 -5.83 45.11 -6.15
C ASP A 98 -6.49 46.19 -5.29
N GLY A 99 -7.23 45.75 -4.26
CA GLY A 99 -7.90 46.64 -3.34
C GLY A 99 -9.27 47.11 -3.77
N ALA A 100 -9.71 46.66 -4.95
CA ALA A 100 -10.99 47.08 -5.54
C ALA A 100 -12.17 46.78 -4.62
N MET A 101 -12.31 45.53 -4.19
CA MET A 101 -13.32 45.19 -3.18
C MET A 101 -12.63 45.20 -1.82
N ASP A 102 -13.03 46.17 -1.00
CA ASP A 102 -12.36 46.48 0.25
C ASP A 102 -13.38 46.47 1.38
N ILE A 103 -13.27 45.49 2.26
CA ILE A 103 -14.24 45.35 3.36
C ILE A 103 -14.07 46.40 4.46
N THR A 104 -13.06 47.25 4.32
CA THR A 104 -12.85 48.37 5.26
C THR A 104 -13.40 49.69 4.70
N VAL A 105 -14.16 49.61 3.62
CA VAL A 105 -14.73 50.78 2.96
C VAL A 105 -15.91 51.39 3.74
N GLY A 106 -16.23 50.78 4.89
CA GLY A 106 -17.29 51.22 5.79
C GLY A 106 -17.48 52.72 5.97
N PRO A 107 -16.43 53.43 6.48
CA PRO A 107 -16.51 54.87 6.71
C PRO A 107 -17.02 55.64 5.50
N LEU A 108 -16.60 55.23 4.31
CA LEU A 108 -17.03 55.87 3.06
C LEU A 108 -18.49 55.54 2.72
N VAL A 109 -18.89 54.29 2.96
CA VAL A 109 -20.28 53.87 2.82
C VAL A 109 -21.19 54.72 3.71
N ASN A 110 -20.76 54.92 4.95
CA ASN A 110 -21.49 55.72 5.92
C ASN A 110 -21.54 57.21 5.57
N LEU A 111 -20.46 57.71 4.98
CA LEU A 111 -20.36 59.12 4.58
C LEU A 111 -21.33 59.47 3.45
N TRP A 112 -21.48 58.55 2.50
CA TRP A 112 -22.38 58.73 1.37
C TRP A 112 -23.82 58.32 1.70
N GLY A 113 -24.00 57.71 2.88
CA GLY A 113 -25.31 57.27 3.36
C GLY A 113 -25.87 56.08 2.61
N PHE A 114 -25.01 55.11 2.32
CA PHE A 114 -25.42 53.90 1.60
C PHE A 114 -25.71 52.73 2.53
N GLY A 115 -25.35 52.88 3.80
CA GLY A 115 -25.57 51.83 4.79
C GLY A 115 -26.85 52.04 5.58
N PRO A 116 -26.84 51.69 6.87
CA PRO A 116 -27.99 51.94 7.75
C PRO A 116 -28.06 53.38 8.24
N ASP A 117 -26.98 54.14 8.07
CA ASP A 117 -26.81 55.46 8.66
C ASP A 117 -27.70 56.55 8.07
N ARG A 118 -27.82 57.64 8.83
CA ARG A 118 -28.60 58.82 8.45
C ARG A 118 -28.08 59.42 7.13
N GLN A 119 -29.00 59.66 6.20
CA GLN A 119 -28.69 60.22 4.89
C GLN A 119 -28.02 61.60 5.01
N PRO A 120 -26.89 61.80 4.29
CA PRO A 120 -26.10 63.03 4.41
C PRO A 120 -26.90 64.28 4.04
N LEU A 121 -26.81 65.31 4.88
CA LEU A 121 -27.53 66.58 4.65
C LEU A 121 -27.03 67.33 3.42
N HIS A 122 -25.77 67.11 3.06
CA HIS A 122 -25.18 67.69 1.85
C HIS A 122 -24.12 66.76 1.25
N ILE A 123 -23.84 66.95 -0.04
CA ILE A 123 -22.85 66.15 -0.77
C ILE A 123 -21.45 66.22 -0.15
N PRO A 124 -20.83 65.04 0.10
CA PRO A 124 -19.51 64.94 0.72
C PRO A 124 -18.42 65.80 0.07
N THR A 125 -17.76 66.61 0.89
CA THR A 125 -16.65 67.47 0.48
C THR A 125 -15.40 66.62 0.19
N PRO A 126 -14.56 67.05 -0.78
CA PRO A 126 -13.26 66.41 -1.02
C PRO A 126 -12.43 66.19 0.25
N ALA A 127 -12.56 67.09 1.22
CA ALA A 127 -11.88 66.97 2.51
C ALA A 127 -12.50 65.89 3.38
N GLN A 128 -13.83 65.82 3.40
CA GLN A 128 -14.57 64.78 4.13
C GLN A 128 -14.25 63.39 3.59
N ILE A 129 -14.13 63.29 2.27
CA ILE A 129 -13.78 62.05 1.58
C ILE A 129 -12.37 61.58 1.96
N ASP A 130 -11.43 62.52 2.02
CA ASP A 130 -10.05 62.24 2.41
C ASP A 130 -9.94 61.78 3.86
N ALA A 131 -10.71 62.43 4.74
CA ALA A 131 -10.74 62.11 6.17
C ALA A 131 -11.36 60.74 6.43
N ALA A 132 -12.33 60.37 5.61
CA ALA A 132 -12.99 59.08 5.72
C ALA A 132 -12.10 57.94 5.21
N LYS A 133 -11.48 58.15 4.04
CA LYS A 133 -10.63 57.11 3.45
C LYS A 133 -9.25 57.00 4.11
N ALA A 134 -8.99 57.87 5.08
CA ALA A 134 -7.84 57.75 5.97
C ALA A 134 -8.17 56.77 7.10
N LYS A 135 -9.44 56.41 7.23
CA LYS A 135 -9.89 55.44 8.21
C LYS A 135 -10.10 54.06 7.54
N THR A 136 -9.70 53.95 6.28
CA THR A 136 -9.83 52.71 5.53
C THR A 136 -8.46 52.11 5.21
N GLY A 137 -8.47 50.88 4.71
CA GLY A 137 -7.24 50.21 4.29
C GLY A 137 -7.21 48.76 4.69
N LEU A 138 -6.84 47.90 3.75
CA LEU A 138 -6.79 46.45 3.97
C LEU A 138 -5.69 46.02 4.93
N GLN A 139 -4.63 46.82 5.03
CA GLN A 139 -3.48 46.51 5.87
C GLN A 139 -3.79 46.72 7.35
N HIS A 140 -4.96 47.27 7.64
CA HIS A 140 -5.33 47.63 9.01
C HIS A 140 -6.05 46.51 9.75
N LEU A 141 -6.38 45.44 9.03
CA LEU A 141 -7.12 44.33 9.62
C LEU A 141 -6.44 42.99 9.39
N GLN A 142 -6.35 42.20 10.46
CA GLN A 142 -5.82 40.84 10.38
C GLN A 142 -6.68 39.84 11.15
N VAL A 143 -6.50 38.56 10.84
CA VAL A 143 -7.22 37.46 11.47
C VAL A 143 -6.23 36.56 12.21
N ILE A 144 -6.53 36.21 13.45
CA ILE A 144 -5.71 35.27 14.21
C ILE A 144 -6.49 33.99 14.50
N ASP A 145 -5.96 32.87 13.99
CA ASP A 145 -6.55 31.55 14.21
C ASP A 145 -5.71 30.74 15.17
N ARG A 146 -6.35 30.20 16.20
CA ARG A 146 -5.70 29.36 17.20
C ARG A 146 -6.53 28.10 17.45
N ALA A 147 -5.99 27.20 18.26
CA ALA A 147 -6.73 26.02 18.70
C ALA A 147 -7.81 26.46 19.67
N GLY A 148 -9.07 26.31 19.26
CA GLY A 148 -10.21 26.59 20.14
C GLY A 148 -10.62 28.05 20.27
N HIS A 149 -9.89 28.95 19.61
CA HIS A 149 -10.18 30.38 19.63
C HIS A 149 -9.77 31.07 18.34
N GLN A 150 -10.57 32.05 17.92
CA GLN A 150 -10.28 32.85 16.72
C GLN A 150 -10.47 34.32 17.06
N PHE A 151 -9.73 35.18 16.38
CA PHE A 151 -9.76 36.61 16.66
C PHE A 151 -9.69 37.49 15.41
N LEU A 152 -10.36 38.64 15.47
CA LEU A 152 -10.13 39.73 14.53
C LEU A 152 -9.29 40.78 15.24
N GLN A 153 -8.41 41.45 14.51
CA GLN A 153 -7.59 42.51 15.07
C GLN A 153 -7.43 43.68 14.13
N LYS A 154 -7.63 44.88 14.67
CA LYS A 154 -7.42 46.12 13.92
C LYS A 154 -6.38 47.01 14.60
N ASP A 155 -5.60 47.74 13.80
CA ASP A 155 -4.61 48.67 14.32
C ASP A 155 -5.09 50.13 14.26
N LEU A 156 -6.38 50.29 13.94
CA LEU A 156 -6.99 51.60 13.79
C LEU A 156 -8.37 51.57 14.45
N PRO A 157 -8.56 52.37 15.52
CA PRO A 157 -9.79 52.32 16.32
C PRO A 157 -11.05 52.69 15.53
N ASP A 158 -10.91 53.59 14.56
CA ASP A 158 -12.03 54.05 13.75
C ASP A 158 -12.42 53.11 12.62
N LEU A 159 -11.69 52.01 12.47
CA LEU A 159 -11.94 51.05 11.39
C LEU A 159 -13.36 50.52 11.44
N TYR A 160 -13.97 50.41 10.26
CA TYR A 160 -15.34 49.93 10.13
C TYR A 160 -15.40 48.88 9.03
N VAL A 161 -15.62 47.63 9.44
CA VAL A 161 -15.66 46.51 8.52
C VAL A 161 -17.09 46.30 7.99
N ASP A 162 -17.22 46.32 6.67
CA ASP A 162 -18.50 46.09 6.00
C ASP A 162 -18.40 44.84 5.14
N LEU A 163 -19.25 43.86 5.46
CA LEU A 163 -19.22 42.57 4.76
C LEU A 163 -20.46 42.36 3.89
N SER A 164 -21.08 43.46 3.47
CA SER A 164 -22.30 43.44 2.64
C SER A 164 -22.11 42.65 1.35
N THR A 165 -20.94 42.78 0.73
CA THR A 165 -20.68 42.16 -0.57
C THR A 165 -20.15 40.73 -0.46
N VAL A 166 -20.31 40.12 0.70
CA VAL A 166 -19.77 38.80 0.96
C VAL A 166 -20.73 37.94 1.82
N GLY A 167 -21.65 38.61 2.50
CA GLY A 167 -22.62 37.97 3.38
C GLY A 167 -23.58 37.00 2.71
N GLU A 168 -24.22 37.45 1.63
CA GLU A 168 -25.16 36.61 0.87
C GLU A 168 -24.45 35.39 0.27
N GLY A 169 -23.22 35.59 -0.16
CA GLY A 169 -22.38 34.50 -0.66
C GLY A 169 -22.12 33.46 0.41
N TYR A 170 -21.73 33.93 1.61
CA TYR A 170 -21.54 33.02 2.74
C TYR A 170 -22.84 32.31 3.11
N ALA A 171 -23.93 33.05 3.18
CA ALA A 171 -25.25 32.51 3.52
C ALA A 171 -25.69 31.42 2.55
N ALA A 172 -25.37 31.58 1.27
CA ALA A 172 -25.68 30.58 0.25
C ALA A 172 -24.85 29.31 0.43
N ASP A 173 -23.57 29.48 0.77
CA ASP A 173 -22.66 28.35 1.01
C ASP A 173 -23.02 27.61 2.28
N HIS A 174 -23.31 28.37 3.34
CA HIS A 174 -23.71 27.82 4.63
C HIS A 174 -25.02 27.05 4.52
N LEU A 175 -25.87 27.50 3.61
CA LEU A 175 -27.17 26.87 3.35
C LEU A 175 -26.97 25.54 2.64
N ALA A 176 -26.00 25.52 1.71
CA ALA A 176 -25.62 24.32 0.98
C ALA A 176 -25.01 23.26 1.91
N ARG A 177 -24.35 23.73 2.97
CA ARG A 177 -23.76 22.87 3.99
C ARG A 177 -24.87 22.20 4.80
N LEU A 178 -25.94 22.95 5.07
CA LEU A 178 -27.10 22.46 5.81
C LEU A 178 -27.84 21.37 5.03
N MET A 179 -27.88 21.51 3.71
CA MET A 179 -28.51 20.52 2.84
C MET A 179 -27.80 19.17 2.94
N GLU A 180 -26.47 19.18 2.88
CA GLU A 180 -25.65 17.98 3.07
C GLU A 180 -25.87 17.41 4.47
N GLN A 181 -26.00 18.31 5.44
CA GLN A 181 -26.22 17.96 6.84
C GLN A 181 -27.57 17.25 7.03
N GLU A 182 -28.58 17.68 6.27
CA GLU A 182 -29.92 17.08 6.32
C GLU A 182 -30.03 15.86 5.39
N GLY A 183 -28.92 15.50 4.75
CA GLY A 183 -28.88 14.36 3.83
C GLY A 183 -29.46 14.61 2.46
N ILE A 184 -29.47 15.88 2.04
CA ILE A 184 -30.02 16.29 0.74
C ILE A 184 -28.90 16.61 -0.25
N ALA A 185 -28.80 15.82 -1.30
CA ALA A 185 -27.74 15.99 -2.30
C ALA A 185 -28.26 16.54 -3.63
N ARG A 186 -29.54 16.91 -3.66
CA ARG A 186 -30.18 17.47 -4.85
C ARG A 186 -30.89 18.77 -4.49
N TYR A 187 -30.20 19.89 -4.63
CA TYR A 187 -30.72 21.17 -4.19
C TYR A 187 -30.32 22.35 -5.07
N LEU A 188 -31.00 23.47 -4.85
CA LEU A 188 -30.58 24.78 -5.35
C LEU A 188 -30.88 25.77 -4.23
N VAL A 189 -29.84 26.46 -3.78
CA VAL A 189 -29.97 27.47 -2.72
C VAL A 189 -29.52 28.84 -3.21
N SER A 190 -30.23 29.89 -2.79
CA SER A 190 -29.87 31.25 -3.14
C SER A 190 -30.26 32.25 -2.06
N VAL A 191 -29.39 33.24 -1.84
CA VAL A 191 -29.67 34.37 -0.96
C VAL A 191 -29.27 35.64 -1.70
N GLY A 192 -30.27 36.45 -2.05
CA GLY A 192 -30.05 37.65 -2.84
C GLY A 192 -29.55 37.31 -4.23
N GLY A 193 -28.43 37.90 -4.61
CA GLY A 193 -27.84 37.66 -5.93
C GLY A 193 -26.96 36.43 -5.98
N ALA A 194 -26.63 35.87 -4.82
CA ALA A 194 -25.75 34.72 -4.70
C ALA A 194 -26.52 33.41 -4.76
N LEU A 195 -25.93 32.39 -5.37
CA LEU A 195 -26.62 31.14 -5.66
C LEU A 195 -25.66 29.94 -5.71
N SER A 196 -26.14 28.78 -5.29
CA SER A 196 -25.38 27.53 -5.38
C SER A 196 -26.33 26.35 -5.60
N SER A 197 -25.83 25.31 -6.28
CA SER A 197 -26.67 24.15 -6.62
C SER A 197 -25.91 22.82 -6.61
N ARG A 198 -26.67 21.73 -6.62
CA ARG A 198 -26.10 20.37 -6.64
C ARG A 198 -27.14 19.37 -7.12
N GLY A 199 -26.68 18.39 -7.91
CA GLY A 199 -27.53 17.28 -8.33
C GLY A 199 -28.48 17.57 -9.47
N MET A 200 -29.54 16.76 -9.55
CA MET A 200 -30.50 16.81 -10.66
C MET A 200 -31.84 17.41 -10.28
N ASN A 201 -32.53 17.93 -11.29
CA ASN A 201 -33.93 18.37 -11.21
C ASN A 201 -34.88 17.25 -10.84
N ALA A 202 -36.13 17.62 -10.57
CA ALA A 202 -37.23 16.66 -10.49
C ALA A 202 -37.41 15.96 -11.83
N GLN A 203 -36.89 16.56 -12.90
CA GLN A 203 -36.88 15.96 -14.24
C GLN A 203 -35.56 15.24 -14.57
N GLY A 204 -34.67 15.17 -13.59
CA GLY A 204 -33.41 14.43 -13.73
C GLY A 204 -32.34 15.11 -14.56
N GLN A 205 -32.28 16.44 -14.48
CA GLN A 205 -31.27 17.21 -15.20
C GLN A 205 -30.66 18.31 -14.34
N PRO A 206 -29.38 18.68 -14.59
CA PRO A 206 -28.68 19.68 -13.78
C PRO A 206 -29.46 20.98 -13.62
N TRP A 207 -29.46 21.53 -12.41
CA TRP A 207 -30.17 22.77 -12.11
C TRP A 207 -29.81 23.87 -13.12
N ARG A 208 -30.85 24.52 -13.62
CA ARG A 208 -30.70 25.49 -14.70
C ARG A 208 -30.72 26.92 -14.16
N VAL A 209 -29.56 27.55 -14.11
CA VAL A 209 -29.45 28.95 -13.72
C VAL A 209 -29.44 29.81 -14.97
N ALA A 210 -30.36 30.77 -15.03
CA ALA A 210 -30.50 31.63 -16.20
C ALA A 210 -29.87 32.99 -15.95
N ILE A 211 -29.06 33.44 -16.89
CA ILE A 211 -28.41 34.74 -16.82
C ILE A 211 -28.85 35.60 -18.01
N GLN A 212 -29.45 36.75 -17.69
CA GLN A 212 -30.00 37.67 -18.67
C GLN A 212 -28.96 38.27 -19.63
N LYS A 213 -29.21 38.08 -20.91
CA LYS A 213 -28.43 38.74 -21.96
C LYS A 213 -29.29 39.85 -22.55
N PRO A 214 -28.65 40.94 -23.04
CA PRO A 214 -29.34 42.02 -23.73
C PRO A 214 -30.27 41.57 -24.87
N THR A 215 -31.44 42.21 -24.94
CA THR A 215 -32.46 41.92 -25.95
C THR A 215 -32.14 42.59 -27.29
N ASP A 216 -32.28 41.83 -28.37
CA ASP A 216 -32.22 42.39 -29.72
C ASP A 216 -33.62 42.43 -30.33
N ARG A 217 -34.12 43.66 -30.55
CA ARG A 217 -35.50 43.91 -30.96
C ARG A 217 -36.55 43.30 -30.01
N GLU A 218 -37.18 42.21 -30.44
CA GLU A 218 -38.29 41.60 -29.69
C GLU A 218 -37.88 40.33 -28.96
N ASN A 219 -36.79 39.71 -29.40
CA ASN A 219 -36.33 38.44 -28.82
C ASN A 219 -35.45 38.63 -27.58
N ALA A 220 -36.05 38.39 -26.40
CA ALA A 220 -35.31 38.41 -25.14
C ALA A 220 -34.61 37.07 -24.95
N VAL A 221 -33.28 37.12 -24.94
CA VAL A 221 -32.45 35.92 -24.86
C VAL A 221 -31.69 35.90 -23.53
N GLN A 222 -31.48 34.70 -23.00
CA GLN A 222 -30.65 34.52 -21.81
C GLN A 222 -29.83 33.22 -21.86
N ALA A 223 -28.69 33.25 -21.17
CA ALA A 223 -27.78 32.12 -21.14
C ALA A 223 -28.06 31.18 -19.98
N ILE A 224 -28.03 29.88 -20.25
CA ILE A 224 -28.25 28.88 -19.21
C ILE A 224 -26.94 28.23 -18.84
N VAL A 225 -26.68 28.15 -17.53
CA VAL A 225 -25.44 27.53 -17.03
C VAL A 225 -25.72 26.41 -16.04
N ASP A 226 -24.80 25.45 -16.00
CA ASP A 226 -24.77 24.43 -14.96
C ASP A 226 -23.63 24.78 -14.01
N ILE A 227 -23.99 25.16 -12.77
CA ILE A 227 -23.00 25.54 -11.77
C ILE A 227 -22.96 24.60 -10.56
N ASN A 228 -23.35 23.35 -10.78
CA ASN A 228 -23.31 22.33 -9.74
C ASN A 228 -21.92 22.18 -9.13
N GLY A 229 -21.84 22.31 -7.81
CA GLY A 229 -20.56 22.26 -7.10
C GLY A 229 -19.83 23.59 -7.07
N HIS A 230 -20.45 24.62 -7.64
CA HIS A 230 -19.86 25.94 -7.69
C HIS A 230 -20.80 26.99 -7.09
N GLY A 231 -20.32 28.23 -7.02
CA GLY A 231 -21.14 29.37 -6.61
C GLY A 231 -21.25 30.38 -7.74
N ILE A 232 -22.40 31.05 -7.81
CA ILE A 232 -22.62 32.08 -8.81
C ILE A 232 -23.26 33.32 -8.18
N SER A 233 -22.80 34.49 -8.60
CA SER A 233 -23.34 35.75 -8.11
C SER A 233 -23.35 36.82 -9.19
N THR A 234 -24.43 37.58 -9.24
CA THR A 234 -24.57 38.69 -10.18
C THR A 234 -24.65 40.02 -9.44
N SER A 235 -23.85 40.98 -9.88
CA SER A 235 -23.90 42.35 -9.39
C SER A 235 -24.40 43.26 -10.50
N GLY A 236 -25.36 44.11 -10.18
CA GLY A 236 -25.95 45.02 -11.16
C GLY A 236 -27.11 44.38 -11.88
N SER A 237 -27.96 45.21 -12.49
CA SER A 237 -29.18 44.73 -13.16
C SER A 237 -29.36 45.34 -14.54
N TYR A 238 -29.30 44.49 -15.56
CA TYR A 238 -29.55 44.92 -16.94
C TYR A 238 -31.03 45.25 -17.15
N ARG A 239 -31.92 44.45 -16.57
CA ARG A 239 -33.36 44.67 -16.72
C ARG A 239 -33.79 46.03 -16.18
N ASN A 240 -33.23 46.42 -15.03
CA ASN A 240 -33.48 47.72 -14.44
C ASN A 240 -32.95 48.86 -15.31
N TYR A 241 -31.78 48.65 -15.90
CA TYR A 241 -31.20 49.64 -16.80
C TYR A 241 -32.06 49.82 -18.05
N TYR A 242 -32.50 48.70 -18.62
CA TYR A 242 -33.32 48.68 -19.83
C TYR A 242 -34.67 49.36 -19.64
N GLU A 243 -35.29 49.12 -18.49
CA GLU A 243 -36.61 49.67 -18.19
C GLU A 243 -36.53 51.14 -17.79
N LEU A 244 -35.63 51.45 -16.85
CA LEU A 244 -35.52 52.80 -16.28
C LEU A 244 -34.78 53.79 -17.18
N ASP A 245 -34.12 53.29 -18.23
CA ASP A 245 -33.33 54.11 -19.15
C ASP A 245 -32.20 54.84 -18.42
N GLY A 246 -31.43 54.08 -17.65
CA GLY A 246 -30.33 54.62 -16.86
C GLY A 246 -30.22 53.92 -15.51
N LYS A 247 -29.17 54.26 -14.76
CA LYS A 247 -28.96 53.69 -13.42
C LYS A 247 -28.78 54.77 -12.36
N ARG A 248 -29.05 54.40 -11.11
CA ARG A 248 -28.86 55.30 -9.97
C ARG A 248 -27.38 55.51 -9.68
N VAL A 249 -27.08 56.55 -8.90
CA VAL A 249 -25.73 56.76 -8.38
C VAL A 249 -25.37 55.51 -7.58
N SER A 250 -24.25 54.89 -7.97
CA SER A 250 -23.89 53.57 -7.45
C SER A 250 -23.59 53.55 -5.97
N HIS A 251 -24.02 52.47 -5.31
CA HIS A 251 -23.74 52.25 -3.89
C HIS A 251 -22.40 51.53 -3.73
N VAL A 252 -21.82 51.12 -4.86
CA VAL A 252 -20.49 50.52 -4.89
C VAL A 252 -19.45 51.64 -4.97
N ILE A 253 -18.55 51.66 -3.99
CA ILE A 253 -17.57 52.74 -3.83
C ILE A 253 -16.17 52.30 -4.25
N ASP A 254 -15.51 53.14 -5.04
CA ASP A 254 -14.11 52.96 -5.40
C ASP A 254 -13.25 53.45 -4.24
N PRO A 255 -12.54 52.52 -3.55
CA PRO A 255 -11.76 52.85 -2.35
C PRO A 255 -10.57 53.77 -2.64
N GLN A 256 -10.26 53.92 -3.92
CA GLN A 256 -9.13 54.72 -4.37
C GLN A 256 -9.49 56.20 -4.51
N THR A 257 -10.71 56.47 -4.96
CA THR A 257 -11.21 57.84 -5.13
C THR A 257 -12.11 58.25 -3.98
N GLY A 258 -12.62 57.27 -3.23
CA GLY A 258 -13.60 57.52 -2.17
C GLY A 258 -14.95 57.95 -2.71
N ARG A 259 -15.20 57.63 -3.98
CA ARG A 259 -16.40 58.06 -4.68
C ARG A 259 -17.17 56.90 -5.29
N PRO A 260 -18.49 57.05 -5.49
CA PRO A 260 -19.27 56.08 -6.24
C PRO A 260 -18.70 55.84 -7.63
N ILE A 261 -18.75 54.60 -8.08
CA ILE A 261 -18.20 54.23 -9.39
C ILE A 261 -19.05 54.75 -10.55
N GLU A 262 -18.38 55.34 -11.54
CA GLU A 262 -19.05 55.84 -12.75
C GLU A 262 -18.49 55.13 -13.97
N HIS A 263 -18.90 53.88 -14.15
CA HIS A 263 -18.42 53.06 -15.26
C HIS A 263 -19.54 52.69 -16.22
N ASN A 264 -19.17 52.34 -17.43
CA ASN A 264 -20.13 51.87 -18.43
C ASN A 264 -20.45 50.39 -18.28
N LEU A 265 -19.75 49.73 -17.35
CA LEU A 265 -20.03 48.35 -16.98
C LEU A 265 -21.34 48.27 -16.20
N VAL A 266 -22.34 47.65 -16.81
CA VAL A 266 -23.69 47.60 -16.26
C VAL A 266 -23.86 46.44 -15.26
N SER A 267 -23.39 45.26 -15.66
CA SER A 267 -23.58 44.06 -14.86
C SER A 267 -22.41 43.09 -14.97
N VAL A 268 -22.15 42.35 -13.89
CA VAL A 268 -21.09 41.34 -13.83
C VAL A 268 -21.63 40.10 -13.14
N THR A 269 -21.48 38.95 -13.80
CA THR A 269 -21.83 37.65 -13.24
C THR A 269 -20.56 36.79 -13.13
N VAL A 270 -20.29 36.28 -11.93
CA VAL A 270 -19.10 35.47 -11.67
C VAL A 270 -19.46 34.06 -11.22
N ILE A 271 -18.78 33.07 -11.80
CA ILE A 271 -18.82 31.70 -11.30
C ILE A 271 -17.48 31.39 -10.63
N ALA A 272 -17.56 30.90 -9.39
CA ALA A 272 -16.39 30.59 -8.58
C ALA A 272 -16.59 29.30 -7.81
N PRO A 273 -15.52 28.72 -7.21
CA PRO A 273 -15.65 27.54 -6.35
C PRO A 273 -16.66 27.70 -5.22
N THR A 274 -16.74 28.89 -4.62
CA THR A 274 -17.74 29.19 -3.59
C THR A 274 -18.61 30.38 -4.00
N ALA A 275 -19.78 30.50 -3.38
CA ALA A 275 -20.67 31.64 -3.62
C ALA A 275 -20.12 32.91 -2.99
N LEU A 276 -19.41 32.76 -1.88
CA LEU A 276 -18.77 33.88 -1.17
C LEU A 276 -17.77 34.56 -2.09
N GLU A 277 -16.95 33.76 -2.75
CA GLU A 277 -15.96 34.27 -3.70
C GLU A 277 -16.63 34.94 -4.91
N ALA A 278 -17.68 34.32 -5.43
CA ALA A 278 -18.45 34.89 -6.53
C ALA A 278 -19.05 36.24 -6.12
N ASP A 279 -19.56 36.29 -4.88
CA ASP A 279 -20.13 37.51 -4.30
C ASP A 279 -19.08 38.60 -4.12
N GLY A 280 -17.89 38.20 -3.66
CA GLY A 280 -16.80 39.13 -3.45
C GLY A 280 -16.16 39.63 -4.74
N TRP A 281 -16.09 38.76 -5.75
CA TRP A 281 -15.42 39.11 -7.00
C TRP A 281 -16.19 40.06 -7.90
N ASP A 282 -17.50 39.89 -8.02
CA ASP A 282 -18.28 40.74 -8.92
C ASP A 282 -18.31 42.22 -8.53
N THR A 283 -18.23 42.51 -7.22
CA THR A 283 -18.09 43.89 -6.76
C THR A 283 -16.70 44.44 -7.13
N GLY A 284 -15.67 43.66 -6.85
CA GLY A 284 -14.30 44.00 -7.21
C GLY A 284 -14.15 44.32 -8.70
N LEU A 285 -14.77 43.49 -9.54
CA LEU A 285 -14.72 43.69 -10.98
C LEU A 285 -15.54 44.91 -11.43
N MET A 286 -16.67 45.16 -10.75
CA MET A 286 -17.48 46.35 -11.01
C MET A 286 -16.70 47.63 -10.70
N VAL A 287 -15.95 47.62 -9.59
CA VAL A 287 -15.09 48.74 -9.19
C VAL A 287 -13.98 48.97 -10.22
N LEU A 288 -13.37 47.89 -10.70
CA LEU A 288 -12.24 47.97 -11.63
C LEU A 288 -12.62 48.54 -13.00
N GLY A 289 -13.82 48.22 -13.46
CA GLY A 289 -14.29 48.66 -14.78
C GLY A 289 -13.93 47.66 -15.87
N THR A 290 -14.53 47.84 -17.04
CA THR A 290 -14.45 46.88 -18.15
C THR A 290 -13.03 46.41 -18.50
N GLN A 291 -12.14 47.35 -18.81
CA GLN A 291 -10.79 47.03 -19.26
C GLN A 291 -9.97 46.34 -18.16
N LYS A 292 -9.88 46.98 -17.01
CA LYS A 292 -9.12 46.49 -15.86
C LYS A 292 -9.64 45.15 -15.35
N ALA A 293 -10.97 44.99 -15.34
CA ALA A 293 -11.61 43.75 -14.93
C ALA A 293 -11.25 42.61 -15.89
N GLN A 294 -11.35 42.88 -17.19
CA GLN A 294 -11.05 41.89 -18.22
C GLN A 294 -9.59 41.42 -18.21
N GLU A 295 -8.69 42.32 -17.84
CA GLU A 295 -7.27 42.00 -17.72
C GLU A 295 -7.01 41.05 -16.54
N VAL A 296 -7.65 41.31 -15.41
CA VAL A 296 -7.55 40.43 -14.24
C VAL A 296 -8.17 39.07 -14.54
N VAL A 297 -9.35 39.09 -15.15
CA VAL A 297 -10.09 37.87 -15.49
C VAL A 297 -9.29 36.92 -16.40
N ARG A 298 -8.52 37.49 -17.33
CA ARG A 298 -7.70 36.68 -18.23
C ARG A 298 -6.45 36.12 -17.55
N ARG A 299 -5.89 36.90 -16.62
CA ARG A 299 -4.65 36.53 -15.95
C ARG A 299 -4.86 35.62 -14.73
N GLU A 300 -6.11 35.50 -14.27
CA GLU A 300 -6.37 34.91 -12.96
C GLU A 300 -6.65 33.39 -12.84
N GLY A 301 -7.37 32.74 -13.76
CA GLY A 301 -8.15 33.33 -14.84
C GLY A 301 -9.59 32.92 -14.63
N LEU A 302 -10.45 33.92 -14.44
CA LEU A 302 -11.78 33.72 -13.86
C LEU A 302 -12.87 33.35 -14.87
N ALA A 303 -14.00 32.85 -14.34
CA ALA A 303 -15.18 32.54 -15.14
C ALA A 303 -16.21 33.65 -14.97
N VAL A 304 -16.21 34.59 -15.91
CA VAL A 304 -16.96 35.84 -15.76
C VAL A 304 -17.80 36.14 -17.00
N PHE A 305 -19.00 36.67 -16.76
CA PHE A 305 -19.84 37.23 -17.81
C PHE A 305 -20.16 38.68 -17.46
N MET A 306 -20.00 39.57 -18.43
CA MET A 306 -20.28 40.99 -18.19
C MET A 306 -21.08 41.68 -19.30
N ILE A 307 -21.90 42.64 -18.87
CA ILE A 307 -22.66 43.47 -19.78
C ILE A 307 -22.18 44.91 -19.61
N MET A 308 -21.77 45.52 -20.71
CA MET A 308 -21.42 46.95 -20.72
C MET A 308 -22.29 47.76 -21.67
N LYS A 309 -22.51 49.02 -21.31
CA LYS A 309 -23.31 49.93 -22.11
C LYS A 309 -22.53 50.36 -23.35
N GLU A 310 -23.22 50.37 -24.48
CA GLU A 310 -22.63 50.80 -25.76
C GLU A 310 -23.52 51.82 -26.45
N GLY A 311 -23.54 53.02 -25.88
CA GLY A 311 -24.38 54.10 -26.40
C GLY A 311 -25.85 53.86 -26.13
N GLU A 312 -26.59 53.53 -27.18
CA GLU A 312 -28.02 53.28 -27.07
C GLU A 312 -28.29 51.82 -26.74
N GLY A 313 -27.34 50.96 -27.07
CA GLY A 313 -27.47 49.53 -26.84
C GLY A 313 -26.47 48.97 -25.85
N PHE A 314 -26.27 47.66 -25.90
CA PHE A 314 -25.38 46.96 -24.98
C PHE A 314 -24.58 45.89 -25.72
N LYS A 315 -23.41 45.55 -25.18
CA LYS A 315 -22.65 44.41 -25.68
C LYS A 315 -22.24 43.52 -24.51
N THR A 316 -21.92 42.26 -24.81
CA THR A 316 -21.55 41.29 -23.79
C THR A 316 -20.18 40.67 -24.01
N TRP A 317 -19.55 40.30 -22.90
CA TRP A 317 -18.29 39.56 -22.94
C TRP A 317 -18.32 38.45 -21.91
N MET A 318 -17.93 37.26 -22.32
CA MET A 318 -17.73 36.18 -21.37
C MET A 318 -16.39 35.47 -21.59
N SER A 319 -15.69 35.25 -20.47
CA SER A 319 -14.39 34.59 -20.48
C SER A 319 -14.48 33.17 -21.00
N PRO A 320 -13.36 32.60 -21.46
CA PRO A 320 -13.35 31.19 -21.88
C PRO A 320 -13.77 30.25 -20.76
N GLN A 321 -13.42 30.60 -19.52
CA GLN A 321 -13.75 29.78 -18.35
C GLN A 321 -15.24 29.79 -18.05
N PHE A 322 -15.91 30.90 -18.38
CA PHE A 322 -17.36 31.01 -18.19
C PHE A 322 -18.11 30.13 -19.18
N LYS A 323 -17.57 30.02 -20.39
CA LYS A 323 -18.23 29.30 -21.49
C LYS A 323 -18.34 27.80 -21.24
N THR A 324 -17.44 27.26 -20.42
CA THR A 324 -17.44 25.84 -20.09
C THR A 324 -18.67 25.45 -19.27
N PHE A 325 -19.23 26.42 -18.54
CA PHE A 325 -20.41 26.21 -17.69
C PHE A 325 -21.73 26.29 -18.45
N LEU A 326 -21.69 26.78 -19.69
CA LEU A 326 -22.89 26.89 -20.53
C LEU A 326 -23.44 25.53 -20.91
N VAL A 327 -24.76 25.40 -20.89
CA VAL A 327 -25.45 24.16 -21.24
C VAL A 327 -25.87 24.21 -22.70
N SER A 328 -25.35 23.26 -23.48
CA SER A 328 -25.61 23.23 -24.92
C SER A 328 -26.68 22.19 -25.29
N ASP A 329 -27.93 22.53 -25.02
CA ASP A 329 -29.07 21.69 -25.42
C ASP A 329 -30.30 22.55 -25.70
N ALA B 14 -14.54 4.39 -17.63
CA ALA B 14 -13.90 5.05 -16.45
C ALA B 14 -12.38 4.96 -16.51
N GLN B 15 -11.73 6.11 -16.60
CA GLN B 15 -10.27 6.19 -16.67
C GLN B 15 -9.67 6.18 -15.27
N VAL B 16 -8.81 5.19 -15.01
CA VAL B 16 -8.17 5.05 -13.70
C VAL B 16 -6.69 5.40 -13.80
N LEU B 17 -6.21 6.17 -12.81
CA LEU B 17 -4.82 6.62 -12.77
C LEU B 17 -4.20 6.32 -11.42
N GLU B 18 -2.95 5.85 -11.41
CA GLU B 18 -2.24 5.53 -10.18
C GLU B 18 -0.80 6.05 -10.16
N GLY B 19 -0.26 6.25 -8.96
CA GLY B 19 1.11 6.76 -8.79
C GLY B 19 1.54 6.86 -7.34
N LYS B 20 2.72 7.43 -7.12
CA LYS B 20 3.28 7.55 -5.77
C LYS B 20 3.39 9.00 -5.31
N THR B 21 2.96 9.24 -4.06
CA THR B 21 3.17 10.53 -3.39
C THR B 21 3.29 10.33 -1.89
N MET B 22 4.11 11.17 -1.26
CA MET B 22 4.22 11.23 0.21
C MET B 22 4.51 9.87 0.86
N GLY B 23 5.41 9.10 0.25
CA GLY B 23 5.77 7.77 0.76
C GLY B 23 4.63 6.76 0.73
N THR B 24 3.61 7.03 -0.07
CA THR B 24 2.45 6.16 -0.21
C THR B 24 1.91 6.21 -1.64
N LEU B 25 0.69 5.70 -1.85
CA LEU B 25 0.09 5.61 -3.17
C LEU B 25 -1.13 6.53 -3.34
N TRP B 26 -1.29 7.07 -4.54
CA TRP B 26 -2.49 7.83 -4.89
C TRP B 26 -3.24 7.19 -6.05
N ARG B 27 -4.56 7.28 -6.00
CA ARG B 27 -5.41 6.70 -7.04
C ARG B 27 -6.54 7.66 -7.42
N VAL B 28 -6.71 7.87 -8.72
CA VAL B 28 -7.79 8.72 -9.25
C VAL B 28 -8.57 7.99 -10.32
N SER B 29 -9.89 8.01 -10.19
CA SER B 29 -10.79 7.48 -11.22
C SER B 29 -11.78 8.55 -11.65
N VAL B 30 -11.88 8.76 -12.96
CA VAL B 30 -12.77 9.78 -13.53
C VAL B 30 -13.63 9.23 -14.67
N VAL B 31 -14.80 9.83 -14.87
CA VAL B 31 -15.68 9.48 -15.98
C VAL B 31 -16.04 10.75 -16.77
N GLY B 32 -15.81 10.73 -18.08
CA GLY B 32 -16.11 11.88 -18.94
C GLY B 32 -15.04 12.23 -19.95
N ILE B 33 -13.81 11.80 -19.69
CA ILE B 33 -12.68 12.07 -20.59
C ILE B 33 -12.12 10.79 -21.21
N ASP B 34 -11.39 10.93 -22.32
CA ASP B 34 -10.79 9.77 -23.00
C ASP B 34 -9.40 9.42 -22.48
N ALA B 35 -8.81 8.34 -23.01
CA ALA B 35 -7.51 7.84 -22.57
C ALA B 35 -6.38 8.85 -22.75
N LYS B 36 -6.41 9.59 -23.86
CA LYS B 36 -5.41 10.62 -24.15
C LYS B 36 -5.47 11.76 -23.14
N ARG B 37 -6.68 12.15 -22.76
CA ARG B 37 -6.90 13.25 -21.83
C ARG B 37 -6.64 12.80 -20.39
N ALA B 38 -6.79 11.51 -20.15
CA ALA B 38 -6.47 10.91 -18.86
C ALA B 38 -4.96 10.85 -18.61
N ALA B 39 -4.20 10.62 -19.67
CA ALA B 39 -2.74 10.60 -19.61
C ALA B 39 -2.18 11.98 -19.28
N GLU B 40 -2.85 13.02 -19.79
CA GLU B 40 -2.48 14.40 -19.52
C GLU B 40 -2.85 14.79 -18.10
N LEU B 41 -3.92 14.19 -17.59
CA LEU B 41 -4.37 14.41 -16.21
C LEU B 41 -3.41 13.78 -15.21
N GLN B 42 -2.83 12.64 -15.60
CA GLN B 42 -1.78 11.97 -14.82
C GLN B 42 -0.64 12.93 -14.45
N THR B 43 -0.19 13.71 -15.44
CA THR B 43 0.91 14.66 -15.27
C THR B 43 0.52 15.84 -14.38
N LYS B 44 -0.69 16.34 -14.57
CA LYS B 44 -1.22 17.46 -13.77
C LYS B 44 -1.42 17.06 -12.32
N ILE B 45 -1.90 15.83 -12.11
CA ILE B 45 -2.09 15.27 -10.78
C ILE B 45 -0.76 15.13 -10.04
N GLN B 46 0.22 14.51 -10.70
CA GLN B 46 1.54 14.27 -10.12
C GLN B 46 2.24 15.57 -9.74
N THR B 47 2.17 16.57 -10.61
CA THR B 47 2.74 17.90 -10.37
C THR B 47 2.18 18.53 -9.09
N GLN B 48 0.85 18.53 -8.97
CA GLN B 48 0.17 19.10 -7.82
C GLN B 48 0.50 18.36 -6.52
N LEU B 49 0.54 17.03 -6.60
CA LEU B 49 0.88 16.20 -5.43
C LEU B 49 2.33 16.34 -5.00
N ASP B 50 3.22 16.58 -5.96
CA ASP B 50 4.61 16.88 -5.66
C ASP B 50 4.74 18.21 -4.93
N ALA B 51 3.94 19.18 -5.34
CA ALA B 51 3.90 20.51 -4.71
C ALA B 51 3.32 20.42 -3.30
N ASP B 52 2.29 19.60 -3.13
CA ASP B 52 1.69 19.36 -1.82
C ASP B 52 2.68 18.62 -0.92
N ASP B 53 3.47 17.75 -1.52
CA ASP B 53 4.54 17.02 -0.82
C ASP B 53 5.64 17.98 -0.38
N TRP B 54 6.06 18.86 -1.29
CA TRP B 54 7.10 19.85 -1.00
C TRP B 54 6.66 20.96 -0.05
N LEU B 55 5.37 21.00 0.25
CA LEU B 55 4.81 21.97 1.18
C LEU B 55 4.74 21.42 2.60
N LEU B 56 4.38 20.15 2.74
CA LEU B 56 3.98 19.59 4.03
C LEU B 56 4.88 18.50 4.61
N SER B 57 5.77 17.94 3.78
CA SER B 57 6.57 16.76 4.18
C SER B 57 7.48 17.00 5.37
N THR B 58 7.50 16.03 6.28
CA THR B 58 8.46 16.02 7.38
C THR B 58 9.75 15.29 6.99
N TYR B 59 9.72 14.65 5.82
CA TYR B 59 10.82 13.82 5.32
C TYR B 59 11.73 14.60 4.35
N LYS B 60 11.40 15.86 4.13
CA LYS B 60 12.17 16.72 3.23
C LYS B 60 12.57 17.99 3.95
N ASN B 61 13.87 18.14 4.21
CA ASN B 61 14.40 19.25 5.01
C ASN B 61 14.16 20.64 4.44
N ASP B 62 13.93 20.74 3.14
CA ASP B 62 13.67 22.02 2.49
C ASP B 62 12.19 22.27 2.20
N SER B 63 11.31 21.45 2.78
CA SER B 63 9.87 21.68 2.65
C SER B 63 9.46 22.91 3.44
N ALA B 64 8.31 23.48 3.09
CA ALA B 64 7.83 24.71 3.73
C ALA B 64 7.64 24.53 5.23
N LEU B 65 7.05 23.42 5.63
CA LEU B 65 6.86 23.10 7.04
C LEU B 65 8.20 22.91 7.75
N MET B 66 9.10 22.17 7.12
CA MET B 66 10.40 21.84 7.71
C MET B 66 11.31 23.06 7.82
N ARG B 67 11.16 24.00 6.88
CA ARG B 67 11.83 25.29 6.98
C ARG B 67 11.33 26.07 8.20
N PHE B 68 10.04 25.96 8.48
CA PHE B 68 9.45 26.58 9.68
C PHE B 68 9.93 25.87 10.95
N ASN B 69 9.99 24.54 10.91
CA ASN B 69 10.49 23.74 12.04
C ASN B 69 11.95 23.99 12.35
N HIS B 70 12.77 24.20 11.32
CA HIS B 70 14.19 24.48 11.49
C HIS B 70 14.46 25.91 11.94
N SER B 71 13.46 26.78 11.80
CA SER B 71 13.57 28.17 12.25
C SER B 71 13.38 28.24 13.75
N ARG B 72 14.10 29.17 14.38
CA ARG B 72 13.98 29.43 15.81
C ARG B 72 13.16 30.69 16.08
N SER B 73 12.74 31.36 15.00
CA SER B 73 12.05 32.64 15.07
C SER B 73 10.67 32.55 15.71
N LEU B 74 10.41 33.49 16.63
CA LEU B 74 9.12 33.62 17.28
C LEU B 74 8.25 34.66 16.57
N ALA B 75 8.85 35.36 15.60
CA ALA B 75 8.15 36.31 14.74
C ALA B 75 7.25 35.58 13.75
N PRO B 76 6.29 36.29 13.12
CA PRO B 76 5.42 35.63 12.14
C PRO B 76 6.22 35.08 10.98
N TRP B 77 5.92 33.83 10.62
CA TRP B 77 6.65 33.11 9.57
C TRP B 77 5.80 32.98 8.31
N PRO B 78 6.17 33.69 7.22
CA PRO B 78 5.39 33.72 5.98
C PRO B 78 5.15 32.34 5.38
N VAL B 79 3.89 32.05 5.08
CA VAL B 79 3.50 30.78 4.47
C VAL B 79 2.43 31.01 3.39
N SER B 80 2.11 29.96 2.65
CA SER B 80 1.07 30.00 1.63
C SER B 80 -0.33 30.00 2.26
N GLU B 81 -1.35 30.27 1.46
CA GLU B 81 -2.74 30.25 1.92
C GLU B 81 -3.16 28.87 2.37
N ALA B 82 -2.80 27.87 1.58
CA ALA B 82 -3.09 26.47 1.88
C ALA B 82 -2.49 26.05 3.22
N MET B 83 -1.21 26.37 3.43
CA MET B 83 -0.51 26.04 4.68
C MET B 83 -1.22 26.64 5.91
N ALA B 84 -1.61 27.91 5.80
CA ALA B 84 -2.31 28.60 6.88
C ALA B 84 -3.65 27.93 7.16
N ASP B 85 -4.39 27.63 6.09
CA ASP B 85 -5.70 26.99 6.20
C ASP B 85 -5.62 25.56 6.72
N ILE B 86 -4.55 24.84 6.37
CA ILE B 86 -4.34 23.47 6.84
C ILE B 86 -4.07 23.45 8.35
N VAL B 87 -3.14 24.29 8.80
CA VAL B 87 -2.80 24.39 10.21
C VAL B 87 -4.00 24.87 11.04
N THR B 88 -4.69 25.90 10.55
CA THR B 88 -5.92 26.38 11.18
C THR B 88 -6.92 25.25 11.37
N SER B 89 -7.15 24.49 10.29
CA SER B 89 -8.07 23.35 10.31
C SER B 89 -7.62 22.28 11.31
N ALA B 90 -6.32 22.01 11.33
CA ALA B 90 -5.72 21.00 12.21
C ALA B 90 -5.66 21.43 13.68
N LEU B 91 -5.59 22.74 13.92
CA LEU B 91 -5.62 23.27 15.28
C LEU B 91 -7.01 23.16 15.87
N ARG B 92 -8.01 23.33 15.03
CA ARG B 92 -9.41 23.28 15.45
C ARG B 92 -9.82 21.85 15.79
N ILE B 93 -9.38 20.89 14.98
CA ILE B 93 -9.60 19.48 15.28
C ILE B 93 -8.87 19.12 16.58
N GLY B 94 -7.70 19.73 16.79
CA GLY B 94 -6.93 19.56 18.01
C GLY B 94 -7.70 19.93 19.26
N ALA B 95 -8.44 21.03 19.20
CA ALA B 95 -9.23 21.51 20.34
C ALA B 95 -10.49 20.67 20.56
N LYS B 96 -11.08 20.19 19.46
CA LYS B 96 -12.31 19.41 19.51
C LYS B 96 -12.10 17.95 19.92
N THR B 97 -10.84 17.49 19.88
CA THR B 97 -10.48 16.15 20.32
C THR B 97 -9.87 16.18 21.73
N ASP B 98 -9.99 17.32 22.40
CA ASP B 98 -9.38 17.57 23.71
C ASP B 98 -7.85 17.39 23.70
N GLY B 99 -7.23 17.74 22.58
CA GLY B 99 -5.79 17.67 22.43
C GLY B 99 -5.25 16.30 22.06
N ALA B 100 -6.14 15.38 21.71
CA ALA B 100 -5.75 14.02 21.33
C ALA B 100 -4.96 14.03 20.02
N MET B 101 -5.54 14.66 19.00
CA MET B 101 -4.86 14.93 17.75
C MET B 101 -4.11 16.26 17.90
N ASP B 102 -2.79 16.15 18.02
CA ASP B 102 -1.92 17.28 18.31
C ASP B 102 -0.82 17.35 17.26
N ILE B 103 -0.84 18.40 16.45
CA ILE B 103 0.16 18.58 15.40
C ILE B 103 1.51 19.10 15.93
N THR B 104 1.60 19.39 17.22
CA THR B 104 2.86 19.81 17.83
C THR B 104 3.59 18.63 18.48
N VAL B 105 3.08 17.43 18.23
CA VAL B 105 3.63 16.19 18.81
C VAL B 105 5.00 15.81 18.20
N GLY B 106 5.49 16.66 17.29
CA GLY B 106 6.77 16.46 16.60
C GLY B 106 7.94 15.93 17.42
N PRO B 107 8.31 16.63 18.52
CA PRO B 107 9.41 16.18 19.37
C PRO B 107 9.22 14.78 19.94
N LEU B 108 7.97 14.40 20.24
CA LEU B 108 7.67 13.05 20.71
C LEU B 108 7.80 12.01 19.60
N VAL B 109 7.33 12.37 18.41
CA VAL B 109 7.48 11.54 17.21
C VAL B 109 8.95 11.28 16.94
N ASN B 110 9.76 12.35 16.99
CA ASN B 110 11.20 12.25 16.80
C ASN B 110 11.92 11.43 17.89
N LEU B 111 11.44 11.55 19.12
CA LEU B 111 12.02 10.83 20.26
C LEU B 111 11.92 9.31 20.12
N TRP B 112 10.75 8.83 19.69
CA TRP B 112 10.51 7.41 19.50
C TRP B 112 11.00 6.92 18.13
N GLY B 113 11.39 7.86 17.28
CA GLY B 113 11.91 7.55 15.94
C GLY B 113 10.84 7.15 14.96
N PHE B 114 9.70 7.83 15.00
CA PHE B 114 8.57 7.51 14.13
C PHE B 114 8.48 8.39 12.88
N GLY B 115 9.45 9.27 12.71
CA GLY B 115 9.53 10.13 11.53
C GLY B 115 10.71 9.76 10.64
N PRO B 116 11.38 10.77 10.04
CA PRO B 116 12.51 10.53 9.16
C PRO B 116 13.83 10.31 9.90
N ASP B 117 13.85 10.69 11.18
CA ASP B 117 15.10 10.79 11.94
C ASP B 117 15.68 9.47 12.44
N ARG B 118 16.88 9.56 12.99
CA ARG B 118 17.63 8.43 13.55
C ARG B 118 16.81 7.64 14.57
N GLN B 119 16.87 6.31 14.44
CA GLN B 119 16.22 5.40 15.38
C GLN B 119 16.91 5.45 16.75
N PRO B 120 16.11 5.47 17.85
CA PRO B 120 16.69 5.57 19.20
C PRO B 120 17.56 4.38 19.57
N LEU B 121 18.73 4.65 20.15
CA LEU B 121 19.66 3.61 20.59
C LEU B 121 19.05 2.77 21.71
N HIS B 122 18.28 3.42 22.59
CA HIS B 122 17.56 2.74 23.66
C HIS B 122 16.13 3.26 23.78
N ILE B 123 15.30 2.50 24.50
CA ILE B 123 13.91 2.90 24.76
C ILE B 123 13.87 4.17 25.63
N PRO B 124 13.13 5.20 25.16
CA PRO B 124 13.07 6.50 25.84
C PRO B 124 12.72 6.41 27.34
N THR B 125 13.55 7.02 28.18
CA THR B 125 13.31 7.06 29.62
C THR B 125 12.16 8.01 29.93
N PRO B 126 11.50 7.84 31.09
CA PRO B 126 10.44 8.77 31.51
C PRO B 126 10.87 10.24 31.55
N ALA B 127 12.15 10.49 31.86
CA ALA B 127 12.71 11.83 31.85
C ALA B 127 12.79 12.41 30.43
N GLN B 128 13.24 11.58 29.49
CA GLN B 128 13.33 11.96 28.08
C GLN B 128 11.96 12.23 27.46
N ILE B 129 10.97 11.46 27.92
CA ILE B 129 9.58 11.62 27.47
C ILE B 129 8.98 12.94 28.00
N ASP B 130 9.23 13.23 29.27
CA ASP B 130 8.75 14.46 29.90
C ASP B 130 9.39 15.70 29.30
N ALA B 131 10.67 15.62 28.98
CA ALA B 131 11.41 16.72 28.38
C ALA B 131 10.93 17.02 26.95
N ALA B 132 10.51 15.97 26.24
CA ALA B 132 10.06 16.09 24.86
C ALA B 132 8.64 16.66 24.77
N LYS B 133 7.75 16.23 25.65
CA LYS B 133 6.38 16.75 25.63
C LYS B 133 6.26 18.14 26.26
N ALA B 134 7.32 18.54 26.98
CA ALA B 134 7.45 19.92 27.44
C ALA B 134 7.66 20.87 26.26
N LYS B 135 7.98 20.30 25.10
CA LYS B 135 8.16 21.06 23.86
C LYS B 135 6.92 20.98 22.97
N THR B 136 5.89 20.29 23.46
CA THR B 136 4.62 20.18 22.74
C THR B 136 3.55 21.07 23.37
N GLY B 137 2.48 21.33 22.63
CA GLY B 137 1.38 22.14 23.11
C GLY B 137 0.70 22.93 22.01
N LEU B 138 -0.62 22.80 21.93
CA LEU B 138 -1.42 23.49 20.92
C LEU B 138 -1.51 25.00 21.19
N GLN B 139 -1.28 25.40 22.44
CA GLN B 139 -1.28 26.81 22.83
C GLN B 139 -0.14 27.57 22.16
N HIS B 140 0.91 26.83 21.78
CA HIS B 140 2.15 27.44 21.30
C HIS B 140 2.14 27.79 19.81
N LEU B 141 1.04 27.49 19.12
CA LEU B 141 0.98 27.72 17.67
C LEU B 141 -0.21 28.59 17.25
N GLN B 142 0.07 29.50 16.31
CA GLN B 142 -0.87 30.51 15.85
C GLN B 142 -0.82 30.67 14.34
N VAL B 143 -1.97 30.99 13.76
CA VAL B 143 -2.05 31.36 12.35
C VAL B 143 -2.53 32.80 12.26
N ILE B 144 -1.84 33.62 11.47
CA ILE B 144 -2.25 34.99 11.24
C ILE B 144 -2.56 35.21 9.76
N ASP B 145 -3.83 35.49 9.46
CA ASP B 145 -4.28 35.75 8.09
C ASP B 145 -4.45 37.24 7.83
N ARG B 146 -3.91 37.70 6.71
CA ARG B 146 -3.99 39.11 6.31
C ARG B 146 -4.28 39.21 4.82
N ALA B 147 -4.55 40.42 4.34
CA ALA B 147 -4.77 40.63 2.92
C ALA B 147 -3.48 40.43 2.13
N GLY B 148 -3.40 39.32 1.41
CA GLY B 148 -2.24 38.98 0.59
C GLY B 148 -1.04 38.40 1.31
N HIS B 149 -1.20 38.12 2.61
CA HIS B 149 -0.13 37.54 3.44
C HIS B 149 -0.68 36.66 4.55
N GLN B 150 -0.05 35.49 4.74
CA GLN B 150 -0.43 34.55 5.80
C GLN B 150 0.82 34.16 6.58
N PHE B 151 0.66 33.89 7.86
CA PHE B 151 1.79 33.58 8.73
C PHE B 151 1.48 32.46 9.72
N LEU B 152 2.49 31.63 10.00
CA LEU B 152 2.47 30.74 11.14
C LEU B 152 3.32 31.36 12.23
N GLN B 153 2.89 31.24 13.48
CA GLN B 153 3.64 31.79 14.59
C GLN B 153 3.68 30.84 15.78
N LYS B 154 4.88 30.64 16.30
CA LYS B 154 5.09 29.87 17.52
C LYS B 154 5.68 30.75 18.61
N ASP B 155 5.29 30.49 19.85
CA ASP B 155 5.83 31.22 21.01
C ASP B 155 6.89 30.39 21.75
N LEU B 156 7.34 29.31 21.10
CA LEU B 156 8.36 28.43 21.63
C LEU B 156 9.25 27.98 20.47
N PRO B 157 10.57 28.25 20.55
CA PRO B 157 11.48 27.92 19.44
C PRO B 157 11.61 26.42 19.21
N ASP B 158 11.50 25.64 20.29
CA ASP B 158 11.51 24.18 20.27
C ASP B 158 10.42 23.54 19.40
N LEU B 159 9.28 24.21 19.31
CA LEU B 159 8.09 23.65 18.67
C LEU B 159 8.40 23.01 17.32
N TYR B 160 7.95 21.76 17.16
CA TYR B 160 8.15 21.00 15.93
C TYR B 160 6.79 20.51 15.46
N VAL B 161 6.31 21.08 14.36
CA VAL B 161 4.99 20.78 13.84
C VAL B 161 5.03 19.60 12.88
N ASP B 162 4.12 18.64 13.10
CA ASP B 162 3.99 17.46 12.25
C ASP B 162 2.56 17.36 11.72
N LEU B 163 2.41 17.43 10.40
CA LEU B 163 1.09 17.40 9.76
C LEU B 163 0.82 16.08 9.03
N SER B 164 1.46 15.00 9.49
CA SER B 164 1.34 13.68 8.86
C SER B 164 -0.10 13.17 8.83
N THR B 165 -0.82 13.34 9.94
CA THR B 165 -2.16 12.80 10.09
C THR B 165 -3.24 13.66 9.41
N VAL B 166 -2.80 14.66 8.65
CA VAL B 166 -3.73 15.62 8.06
C VAL B 166 -3.37 15.90 6.60
N GLY B 167 -2.17 15.50 6.20
CA GLY B 167 -1.63 15.77 4.87
C GLY B 167 -2.33 15.05 3.73
N GLU B 168 -2.50 13.74 3.85
CA GLU B 168 -3.20 12.94 2.84
C GLU B 168 -4.62 13.45 2.62
N GLY B 169 -5.29 13.78 3.72
CA GLY B 169 -6.63 14.35 3.69
C GLY B 169 -6.70 15.63 2.87
N TYR B 170 -5.74 16.52 3.10
CA TYR B 170 -5.63 17.73 2.29
C TYR B 170 -5.38 17.38 0.83
N ALA B 171 -4.38 16.54 0.59
CA ALA B 171 -4.01 16.14 -0.77
C ALA B 171 -5.22 15.63 -1.55
N ALA B 172 -6.07 14.85 -0.88
CA ALA B 172 -7.28 14.30 -1.47
C ALA B 172 -8.29 15.40 -1.81
N ASP B 173 -8.51 16.31 -0.87
CA ASP B 173 -9.42 17.43 -1.06
C ASP B 173 -8.94 18.39 -2.15
N HIS B 174 -7.64 18.66 -2.16
CA HIS B 174 -7.00 19.50 -3.16
C HIS B 174 -7.09 18.86 -4.53
N LEU B 175 -7.01 17.54 -4.57
CA LEU B 175 -7.12 16.76 -5.81
C LEU B 175 -8.56 16.81 -6.36
N ALA B 176 -9.53 16.86 -5.46
CA ALA B 176 -10.94 16.98 -5.84
C ALA B 176 -11.23 18.34 -6.49
N ARG B 177 -10.57 19.39 -6.01
CA ARG B 177 -10.71 20.73 -6.58
C ARG B 177 -10.05 20.83 -7.96
N LEU B 178 -8.93 20.12 -8.13
CA LEU B 178 -8.26 20.02 -9.43
C LEU B 178 -9.17 19.34 -10.45
N MET B 179 -9.84 18.27 -10.01
CA MET B 179 -10.85 17.58 -10.81
C MET B 179 -11.96 18.56 -11.25
N GLU B 180 -12.36 19.43 -10.34
CA GLU B 180 -13.40 20.43 -10.60
C GLU B 180 -12.98 21.50 -11.63
N GLN B 181 -11.78 22.06 -11.46
CA GLN B 181 -11.29 23.09 -12.38
C GLN B 181 -10.89 22.53 -13.76
N GLU B 182 -10.70 21.22 -13.84
CA GLU B 182 -10.49 20.53 -15.12
C GLU B 182 -11.81 20.20 -15.80
N GLY B 183 -12.92 20.56 -15.14
CA GLY B 183 -14.26 20.37 -15.68
C GLY B 183 -14.85 18.99 -15.42
N ILE B 184 -14.16 18.18 -14.63
CA ILE B 184 -14.58 16.82 -14.34
C ILE B 184 -15.45 16.78 -13.08
N ALA B 185 -16.68 16.30 -13.23
CA ALA B 185 -17.64 16.27 -12.13
C ALA B 185 -17.82 14.87 -11.53
N ARG B 186 -17.52 13.83 -12.31
CA ARG B 186 -17.70 12.45 -11.89
C ARG B 186 -16.34 11.81 -11.59
N TYR B 187 -16.01 11.67 -10.30
CA TYR B 187 -14.68 11.21 -9.90
C TYR B 187 -14.60 10.53 -8.52
N LEU B 188 -13.52 9.76 -8.35
CA LEU B 188 -13.07 9.33 -7.03
C LEU B 188 -11.59 9.65 -6.91
N VAL B 189 -11.22 10.37 -5.86
CA VAL B 189 -9.81 10.70 -5.60
C VAL B 189 -9.33 10.08 -4.29
N SER B 190 -8.10 9.60 -4.28
CA SER B 190 -7.56 8.87 -3.15
C SER B 190 -6.07 9.15 -2.97
N VAL B 191 -5.70 9.53 -1.75
CA VAL B 191 -4.29 9.66 -1.37
C VAL B 191 -4.09 8.93 -0.04
N GLY B 192 -3.37 7.81 -0.08
CA GLY B 192 -3.17 6.97 1.10
C GLY B 192 -4.46 6.31 1.53
N GLY B 193 -4.87 6.58 2.77
CA GLY B 193 -6.13 6.07 3.31
C GLY B 193 -7.24 7.10 3.29
N ALA B 194 -6.93 8.29 2.78
CA ALA B 194 -7.89 9.39 2.66
C ALA B 194 -8.51 9.41 1.27
N LEU B 195 -9.81 9.61 1.22
CA LEU B 195 -10.58 9.40 0.01
C LEU B 195 -11.75 10.39 -0.09
N SER B 196 -12.04 10.81 -1.32
CA SER B 196 -13.17 11.71 -1.58
C SER B 196 -13.80 11.39 -2.94
N SER B 197 -15.10 11.65 -3.05
CA SER B 197 -15.90 11.14 -4.16
C SER B 197 -16.93 12.14 -4.67
N ARG B 198 -17.32 12.01 -5.94
CA ARG B 198 -18.39 12.83 -6.51
C ARG B 198 -19.01 12.20 -7.76
N GLY B 199 -20.33 12.36 -7.88
CA GLY B 199 -21.08 11.93 -9.07
C GLY B 199 -21.21 10.43 -9.24
N MET B 200 -21.60 10.01 -10.45
CA MET B 200 -21.78 8.60 -10.77
C MET B 200 -20.55 8.02 -11.46
N ASN B 201 -20.30 6.73 -11.24
CA ASN B 201 -19.25 6.03 -11.98
C ASN B 201 -19.71 5.66 -13.39
N ALA B 202 -18.89 4.88 -14.11
CA ALA B 202 -19.19 4.51 -15.50
C ALA B 202 -20.48 3.69 -15.66
N GLN B 203 -20.95 3.12 -14.56
CA GLN B 203 -22.13 2.25 -14.59
C GLN B 203 -23.39 2.91 -14.02
N GLY B 204 -23.30 4.23 -13.76
CA GLY B 204 -24.44 5.01 -13.29
C GLY B 204 -24.74 4.89 -11.81
N GLN B 205 -23.81 4.30 -11.06
CA GLN B 205 -23.97 4.12 -9.62
C GLN B 205 -23.04 5.09 -8.87
N PRO B 206 -23.43 5.50 -7.65
CA PRO B 206 -22.50 6.27 -6.82
C PRO B 206 -21.26 5.44 -6.48
N TRP B 207 -20.11 6.10 -6.39
CA TRP B 207 -18.83 5.42 -6.17
C TRP B 207 -18.84 4.49 -4.96
N ARG B 208 -18.27 3.30 -5.13
CA ARG B 208 -18.37 2.24 -4.14
C ARG B 208 -17.18 2.19 -3.21
N VAL B 209 -17.32 2.80 -2.03
CA VAL B 209 -16.29 2.72 -1.00
C VAL B 209 -16.68 1.62 0.00
N ALA B 210 -15.85 0.57 0.05
CA ALA B 210 -16.10 -0.58 0.92
C ALA B 210 -15.29 -0.50 2.21
N ILE B 211 -15.92 -0.88 3.31
CA ILE B 211 -15.28 -0.88 4.63
C ILE B 211 -15.35 -2.29 5.21
N GLN B 212 -14.20 -2.77 5.71
CA GLN B 212 -14.06 -4.14 6.17
C GLN B 212 -14.71 -4.37 7.54
N LYS B 213 -15.59 -5.36 7.59
CA LYS B 213 -16.28 -5.76 8.83
C LYS B 213 -15.88 -7.17 9.24
N PRO B 214 -15.48 -7.35 10.51
CA PRO B 214 -15.13 -8.66 11.07
C PRO B 214 -16.28 -9.66 11.00
N GLN B 222 -18.79 -7.09 5.01
CA GLN B 222 -18.36 -5.88 4.32
C GLN B 222 -19.51 -4.89 4.13
N ALA B 223 -19.27 -3.64 4.52
CA ALA B 223 -20.26 -2.58 4.36
C ALA B 223 -19.85 -1.62 3.25
N ILE B 224 -20.84 -1.15 2.49
CA ILE B 224 -20.62 -0.20 1.40
C ILE B 224 -21.27 1.14 1.71
N VAL B 225 -20.51 2.21 1.54
CA VAL B 225 -21.01 3.57 1.78
C VAL B 225 -21.00 4.43 0.52
N ASP B 226 -21.88 5.43 0.50
CA ASP B 226 -21.86 6.48 -0.51
C ASP B 226 -21.45 7.78 0.18
N ILE B 227 -20.27 8.27 -0.18
CA ILE B 227 -19.68 9.44 0.47
C ILE B 227 -19.43 10.59 -0.49
N ASN B 228 -20.26 10.66 -1.54
CA ASN B 228 -20.22 11.76 -2.49
C ASN B 228 -20.42 13.10 -1.79
N GLY B 229 -19.53 14.05 -2.09
CA GLY B 229 -19.54 15.36 -1.44
C GLY B 229 -18.93 15.36 -0.06
N HIS B 230 -18.39 14.21 0.35
CA HIS B 230 -17.77 14.04 1.66
C HIS B 230 -16.38 13.43 1.51
N GLY B 231 -15.64 13.38 2.62
CA GLY B 231 -14.35 12.71 2.67
C GLY B 231 -14.38 11.57 3.67
N ILE B 232 -13.69 10.48 3.33
CA ILE B 232 -13.56 9.33 4.23
C ILE B 232 -12.09 9.01 4.48
N SER B 233 -11.81 8.48 5.66
CA SER B 233 -10.45 8.11 6.04
C SER B 233 -10.48 7.05 7.14
N THR B 234 -9.51 6.14 7.08
CA THR B 234 -9.40 5.05 8.04
C THR B 234 -8.01 5.00 8.67
N SER B 235 -7.99 4.93 10.00
CA SER B 235 -6.76 4.74 10.75
C SER B 235 -6.76 3.34 11.34
N GLY B 236 -5.67 2.61 11.17
CA GLY B 236 -5.56 1.23 11.63
C GLY B 236 -6.06 0.26 10.58
N SER B 237 -5.68 -1.02 10.72
CA SER B 237 -6.05 -2.04 9.76
C SER B 237 -6.47 -3.34 10.45
N TYR B 238 -7.77 -3.65 10.37
CA TYR B 238 -8.31 -4.93 10.84
C TYR B 238 -7.72 -6.08 10.02
N ARG B 239 -7.61 -5.85 8.72
CA ARG B 239 -7.08 -6.83 7.77
C ARG B 239 -5.68 -7.29 8.16
N ASN B 240 -4.85 -6.35 8.58
CA ASN B 240 -3.51 -6.65 9.06
C ASN B 240 -3.51 -7.31 10.44
N TYR B 241 -4.40 -6.85 11.32
CA TYR B 241 -4.51 -7.40 12.68
C TYR B 241 -4.93 -8.87 12.64
N TYR B 242 -5.89 -9.18 11.77
CA TYR B 242 -6.39 -10.55 11.62
C TYR B 242 -5.32 -11.48 11.07
N GLU B 243 -4.56 -10.99 10.09
CA GLU B 243 -3.47 -11.77 9.49
C GLU B 243 -2.30 -11.99 10.43
N LEU B 244 -1.81 -10.89 11.01
CA LEU B 244 -0.62 -10.93 11.86
C LEU B 244 -0.93 -11.35 13.31
N ASP B 245 -2.22 -11.59 13.59
CA ASP B 245 -2.71 -11.95 14.93
C ASP B 245 -2.08 -11.05 16.01
N GLY B 246 -2.15 -9.74 15.76
CA GLY B 246 -1.50 -8.78 16.62
C GLY B 246 -1.25 -7.46 15.93
N LYS B 247 -0.47 -6.62 16.60
CA LYS B 247 -0.40 -5.21 16.29
C LYS B 247 1.02 -4.68 16.47
N ARG B 248 1.42 -3.79 15.57
CA ARG B 248 2.62 -2.97 15.74
C ARG B 248 2.59 -2.23 17.06
N VAL B 249 3.77 -1.86 17.55
CA VAL B 249 3.86 -0.78 18.52
C VAL B 249 3.41 0.45 17.73
N SER B 250 2.35 1.09 18.23
CA SER B 250 1.67 2.17 17.49
C SER B 250 2.56 3.38 17.23
N HIS B 251 2.46 3.93 16.03
CA HIS B 251 3.16 5.16 15.66
C HIS B 251 2.33 6.40 16.03
N VAL B 252 1.11 6.14 16.51
CA VAL B 252 0.23 7.18 17.04
C VAL B 252 0.57 7.39 18.51
N ILE B 253 0.89 8.63 18.86
CA ILE B 253 1.34 8.98 20.22
C ILE B 253 0.28 9.74 21.01
N ASP B 254 0.08 9.33 22.26
CA ASP B 254 -0.80 10.03 23.18
C ASP B 254 -0.04 11.20 23.82
N PRO B 255 -0.48 12.44 23.54
CA PRO B 255 0.20 13.65 24.05
C PRO B 255 0.19 13.75 25.58
N GLN B 256 -0.79 13.11 26.22
CA GLN B 256 -0.92 13.15 27.68
C GLN B 256 0.14 12.31 28.38
N THR B 257 0.53 11.20 27.75
CA THR B 257 1.52 10.28 28.33
C THR B 257 2.89 10.41 27.68
N GLY B 258 2.90 10.78 26.40
CA GLY B 258 4.14 10.86 25.63
C GLY B 258 4.59 9.50 25.11
N ARG B 259 3.70 8.52 25.22
CA ARG B 259 3.97 7.15 24.78
C ARG B 259 3.03 6.73 23.66
N PRO B 260 3.43 5.72 22.86
CA PRO B 260 2.52 5.14 21.86
C PRO B 260 1.23 4.65 22.52
N ILE B 261 0.11 4.79 21.82
CA ILE B 261 -1.19 4.39 22.37
C ILE B 261 -1.28 2.87 22.58
N GLU B 262 -1.96 2.49 23.65
CA GLU B 262 -2.13 1.08 24.01
C GLU B 262 -3.61 0.78 24.26
N HIS B 263 -4.36 0.64 23.16
CA HIS B 263 -5.81 0.46 23.23
C HIS B 263 -6.28 -0.83 22.56
N ASN B 264 -7.46 -1.28 22.97
CA ASN B 264 -8.12 -2.42 22.32
C ASN B 264 -8.80 -2.01 21.01
N LEU B 265 -8.88 -0.70 20.79
CA LEU B 265 -9.42 -0.13 19.56
C LEU B 265 -8.49 -0.42 18.39
N VAL B 266 -9.00 -1.16 17.41
CA VAL B 266 -8.19 -1.67 16.30
C VAL B 266 -8.18 -0.70 15.11
N SER B 267 -9.37 -0.22 14.73
CA SER B 267 -9.53 0.60 13.54
C SER B 267 -10.62 1.65 13.72
N VAL B 268 -10.42 2.82 13.12
CA VAL B 268 -11.41 3.89 13.15
C VAL B 268 -11.63 4.46 11.75
N THR B 269 -12.88 4.46 11.30
CA THR B 269 -13.26 5.07 10.02
C THR B 269 -14.16 6.27 10.27
N VAL B 270 -13.80 7.41 9.67
CA VAL B 270 -14.54 8.65 9.86
C VAL B 270 -15.00 9.22 8.52
N ILE B 271 -16.31 9.51 8.43
CA ILE B 271 -16.86 10.26 7.30
C ILE B 271 -17.09 11.70 7.75
N ALA B 272 -16.56 12.65 6.98
CA ALA B 272 -16.61 14.06 7.31
C ALA B 272 -16.86 14.90 6.05
N PRO B 273 -17.24 16.19 6.20
CA PRO B 273 -17.39 17.10 5.06
C PRO B 273 -16.15 17.16 4.15
N THR B 274 -14.97 17.19 4.74
CA THR B 274 -13.71 17.16 3.98
C THR B 274 -12.87 15.96 4.39
N ALA B 275 -12.00 15.51 3.48
CA ALA B 275 -11.10 14.40 3.76
C ALA B 275 -10.02 14.78 4.79
N LEU B 276 -9.63 16.05 4.79
CA LEU B 276 -8.67 16.57 5.77
C LEU B 276 -9.16 16.38 7.19
N GLU B 277 -10.43 16.68 7.42
CA GLU B 277 -11.05 16.50 8.74
C GLU B 277 -11.24 15.02 9.10
N ALA B 278 -11.56 14.21 8.09
CA ALA B 278 -11.65 12.77 8.27
C ALA B 278 -10.30 12.19 8.70
N ASP B 279 -9.24 12.66 8.04
CA ASP B 279 -7.87 12.23 8.33
C ASP B 279 -7.45 12.64 9.75
N GLY B 280 -7.81 13.86 10.14
CA GLY B 280 -7.47 14.39 11.45
C GLY B 280 -8.18 13.69 12.59
N TRP B 281 -9.49 13.47 12.43
CA TRP B 281 -10.29 12.83 13.47
C TRP B 281 -9.92 11.38 13.73
N ASP B 282 -9.55 10.66 12.67
CA ASP B 282 -9.01 9.30 12.75
C ASP B 282 -8.07 9.10 13.94
N THR B 283 -7.00 9.90 13.95
CA THR B 283 -5.93 9.79 14.94
C THR B 283 -6.43 10.22 16.31
N GLY B 284 -7.12 11.36 16.36
CA GLY B 284 -7.72 11.85 17.60
C GLY B 284 -8.55 10.80 18.30
N LEU B 285 -9.39 10.12 17.53
CA LEU B 285 -10.26 9.08 18.06
C LEU B 285 -9.49 7.83 18.49
N MET B 286 -8.43 7.52 17.76
CA MET B 286 -7.53 6.42 18.13
C MET B 286 -6.82 6.71 19.46
N VAL B 287 -6.45 7.98 19.67
CA VAL B 287 -5.76 8.39 20.90
C VAL B 287 -6.69 8.31 22.10
N LEU B 288 -7.95 8.69 21.89
CA LEU B 288 -8.94 8.76 22.96
C LEU B 288 -9.36 7.39 23.51
N GLY B 289 -9.31 6.36 22.67
CA GLY B 289 -9.77 5.02 23.05
C GLY B 289 -11.26 4.85 22.84
N THR B 290 -11.74 3.60 22.93
CA THR B 290 -13.12 3.25 22.60
C THR B 290 -14.16 4.10 23.34
N GLN B 291 -14.02 4.20 24.65
CA GLN B 291 -15.04 4.86 25.48
C GLN B 291 -15.13 6.36 25.27
N LYS B 292 -13.99 7.05 25.35
CA LYS B 292 -13.94 8.50 25.14
C LYS B 292 -14.24 8.91 23.70
N ALA B 293 -13.84 8.07 22.75
CA ALA B 293 -14.09 8.32 21.33
C ALA B 293 -15.59 8.29 21.02
N GLN B 294 -16.28 7.28 21.54
CA GLN B 294 -17.73 7.16 21.37
C GLN B 294 -18.50 8.32 22.00
N GLU B 295 -17.98 8.82 23.13
CA GLU B 295 -18.61 9.92 23.86
C GLU B 295 -18.55 11.23 23.08
N VAL B 296 -17.40 11.53 22.49
CA VAL B 296 -17.20 12.74 21.69
C VAL B 296 -17.99 12.66 20.37
N VAL B 297 -18.04 11.46 19.79
CA VAL B 297 -18.79 11.21 18.56
C VAL B 297 -20.29 11.45 18.77
N ARG B 298 -20.82 10.96 19.89
CA ARG B 298 -22.22 11.17 20.23
C ARG B 298 -22.54 12.64 20.48
N ARG B 299 -21.64 13.31 21.21
CA ARG B 299 -21.82 14.71 21.60
C ARG B 299 -21.75 15.65 20.40
N GLU B 300 -20.77 15.44 19.52
CA GLU B 300 -20.59 16.31 18.35
C GLU B 300 -21.29 15.77 17.09
N GLY B 301 -21.93 14.61 17.22
CA GLY B 301 -22.74 14.02 16.15
C GLY B 301 -21.97 13.68 14.89
N LEU B 302 -20.92 12.88 15.04
CA LEU B 302 -20.02 12.56 13.94
C LEU B 302 -20.32 11.18 13.32
N ALA B 303 -19.88 11.00 12.07
CA ALA B 303 -20.09 9.75 11.34
C ALA B 303 -18.86 8.86 11.47
N VAL B 304 -18.91 7.93 12.41
CA VAL B 304 -17.75 7.11 12.77
C VAL B 304 -18.09 5.63 12.86
N PHE B 305 -17.21 4.81 12.28
CA PHE B 305 -17.28 3.35 12.40
C PHE B 305 -15.98 2.85 13.00
N MET B 306 -16.09 1.98 14.01
CA MET B 306 -14.90 1.49 14.70
C MET B 306 -14.92 0.00 15.00
N ILE B 307 -13.74 -0.62 14.90
CA ILE B 307 -13.54 -2.03 15.22
C ILE B 307 -12.64 -2.13 16.45
N MET B 308 -13.06 -2.91 17.44
CA MET B 308 -12.26 -3.13 18.65
C MET B 308 -12.09 -4.61 19.01
N LYS B 309 -11.00 -4.90 19.70
CA LYS B 309 -10.70 -6.25 20.19
C LYS B 309 -11.65 -6.69 21.30
N GLU B 310 -12.17 -7.91 21.17
CA GLU B 310 -13.08 -8.48 22.14
C GLU B 310 -12.71 -9.94 22.38
N GLY B 311 -11.92 -10.19 23.42
CA GLY B 311 -11.42 -11.53 23.71
C GLY B 311 -10.52 -12.02 22.60
N GLU B 312 -10.97 -13.04 21.87
CA GLU B 312 -10.23 -13.58 20.73
C GLU B 312 -10.85 -13.13 19.40
N GLY B 313 -12.02 -12.51 19.48
CA GLY B 313 -12.73 -12.00 18.31
C GLY B 313 -12.75 -10.48 18.27
N PHE B 314 -13.75 -9.94 17.59
CA PHE B 314 -13.87 -8.49 17.41
C PHE B 314 -15.30 -8.01 17.61
N LYS B 315 -15.45 -6.72 17.86
CA LYS B 315 -16.75 -6.08 17.95
C LYS B 315 -16.75 -4.80 17.12
N THR B 316 -17.90 -4.46 16.55
CA THR B 316 -18.02 -3.26 15.73
C THR B 316 -19.02 -2.26 16.31
N TRP B 317 -18.77 -0.98 16.06
CA TRP B 317 -19.68 0.08 16.44
C TRP B 317 -19.73 1.15 15.36
N MET B 318 -20.93 1.46 14.89
CA MET B 318 -21.11 2.63 14.02
C MET B 318 -22.18 3.58 14.57
N SER B 319 -21.85 4.87 14.59
CA SER B 319 -22.78 5.91 15.02
C SER B 319 -23.99 6.02 14.09
N PRO B 320 -25.12 6.52 14.61
CA PRO B 320 -26.28 6.79 13.75
C PRO B 320 -25.94 7.63 12.51
N GLN B 321 -25.06 8.62 12.66
CA GLN B 321 -24.64 9.48 11.54
C GLN B 321 -23.93 8.69 10.46
N PHE B 322 -23.17 7.68 10.86
CA PHE B 322 -22.47 6.81 9.91
C PHE B 322 -23.43 5.92 9.13
N LYS B 323 -24.48 5.45 9.79
CA LYS B 323 -25.48 4.56 9.19
C LYS B 323 -26.16 5.19 7.96
N THR B 324 -26.33 6.52 7.98
CA THR B 324 -27.02 7.25 6.92
C THR B 324 -26.26 7.25 5.59
N PHE B 325 -24.97 6.93 5.65
CA PHE B 325 -24.13 6.91 4.45
C PHE B 325 -24.06 5.51 3.81
N LEU B 326 -24.56 4.49 4.50
CA LEU B 326 -24.61 3.13 3.97
C LEU B 326 -25.52 3.04 2.74
N VAL B 327 -25.17 2.14 1.82
CA VAL B 327 -25.98 1.89 0.64
C VAL B 327 -26.80 0.62 0.84
N SER B 328 -28.11 0.73 0.65
CA SER B 328 -29.02 -0.41 0.81
C SER B 328 -29.19 -1.18 -0.49
N ASP B 329 -29.69 -0.49 -1.52
CA ASP B 329 -29.98 -1.09 -2.85
C ASP B 329 -31.27 -1.91 -2.84
N THR C 7 -12.90 -35.53 24.87
CA THR C 7 -13.23 -34.89 23.56
C THR C 7 -14.47 -35.52 22.92
N THR C 8 -15.54 -34.74 22.85
CA THR C 8 -16.84 -35.21 22.35
C THR C 8 -16.88 -35.40 20.82
N THR C 9 -16.03 -34.66 20.10
CA THR C 9 -16.06 -34.64 18.64
C THR C 9 -15.29 -35.80 17.99
N ALA C 10 -15.77 -36.23 16.82
CA ALA C 10 -15.19 -37.34 16.08
C ALA C 10 -13.87 -36.95 15.43
N SER C 11 -12.94 -37.91 15.41
CA SER C 11 -11.62 -37.72 14.81
C SER C 11 -11.68 -37.90 13.29
N PRO C 12 -10.86 -37.15 12.53
CA PRO C 12 -10.73 -37.38 11.08
C PRO C 12 -10.10 -38.74 10.76
N ALA C 13 -10.30 -39.20 9.53
CA ALA C 13 -9.75 -40.49 9.10
C ALA C 13 -8.25 -40.40 8.83
N ALA C 14 -7.49 -41.28 9.47
CA ALA C 14 -6.03 -41.30 9.33
C ALA C 14 -5.55 -42.56 8.59
N GLN C 15 -5.31 -42.41 7.29
CA GLN C 15 -4.87 -43.52 6.45
C GLN C 15 -3.35 -43.61 6.42
N VAL C 16 -2.84 -44.83 6.49
CA VAL C 16 -1.40 -45.10 6.42
C VAL C 16 -1.11 -46.04 5.25
N LEU C 17 -0.08 -45.70 4.47
CA LEU C 17 0.32 -46.48 3.31
C LEU C 17 1.80 -46.81 3.36
N GLU C 18 2.14 -48.04 2.95
CA GLU C 18 3.53 -48.48 2.86
C GLU C 18 3.79 -49.21 1.55
N GLY C 19 5.06 -49.29 1.17
CA GLY C 19 5.48 -50.00 -0.02
C GLY C 19 6.98 -50.00 -0.17
N LYS C 20 7.45 -50.49 -1.32
CA LYS C 20 8.88 -50.60 -1.58
C LYS C 20 9.32 -49.73 -2.74
N THR C 21 10.47 -49.09 -2.57
CA THR C 21 11.12 -48.30 -3.62
C THR C 21 12.60 -48.19 -3.34
N MET C 22 13.39 -48.12 -4.42
CA MET C 22 14.82 -47.82 -4.35
C MET C 22 15.62 -48.76 -3.43
N GLY C 23 15.24 -50.04 -3.39
CA GLY C 23 15.89 -51.01 -2.52
C GLY C 23 15.70 -50.77 -1.03
N THR C 24 14.75 -49.90 -0.71
CA THR C 24 14.42 -49.57 0.68
C THR C 24 12.89 -49.47 0.85
N LEU C 25 12.43 -48.88 1.94
CA LEU C 25 11.01 -48.80 2.24
C LEU C 25 10.49 -47.37 2.19
N TRP C 26 9.25 -47.20 1.74
CA TRP C 26 8.58 -45.91 1.83
C TRP C 26 7.32 -45.98 2.69
N ARG C 27 7.07 -44.92 3.45
CA ARG C 27 5.93 -44.85 4.35
C ARG C 27 5.24 -43.49 4.23
N VAL C 28 3.91 -43.52 4.15
CA VAL C 28 3.10 -42.33 3.98
C VAL C 28 1.90 -42.38 4.92
N SER C 29 1.73 -41.31 5.71
CA SER C 29 0.59 -41.19 6.61
C SER C 29 -0.18 -39.92 6.30
N VAL C 30 -1.49 -40.04 6.08
CA VAL C 30 -2.33 -38.91 5.65
C VAL C 30 -3.58 -38.72 6.51
N VAL C 31 -4.07 -37.48 6.56
CA VAL C 31 -5.28 -37.12 7.31
C VAL C 31 -6.25 -36.36 6.40
N GLY C 32 -7.48 -36.85 6.32
CA GLY C 32 -8.55 -36.16 5.59
C GLY C 32 -9.24 -36.93 4.46
N ILE C 33 -8.75 -38.14 4.17
CA ILE C 33 -9.30 -38.97 3.10
C ILE C 33 -9.79 -40.33 3.62
N ASP C 34 -10.65 -41.00 2.85
CA ASP C 34 -11.19 -42.31 3.23
C ASP C 34 -10.36 -43.47 2.68
N ALA C 35 -10.80 -44.70 2.97
CA ALA C 35 -10.07 -45.91 2.59
C ALA C 35 -9.94 -46.11 1.08
N LYS C 36 -11.01 -45.80 0.34
CA LYS C 36 -11.01 -45.94 -1.12
C LYS C 36 -10.02 -44.98 -1.79
N ARG C 37 -10.05 -43.71 -1.38
CA ARG C 37 -9.12 -42.71 -1.91
C ARG C 37 -7.67 -42.99 -1.52
N ALA C 38 -7.49 -43.70 -0.40
CA ALA C 38 -6.16 -44.10 0.06
C ALA C 38 -5.53 -45.14 -0.86
N ALA C 39 -6.34 -46.12 -1.28
CA ALA C 39 -5.90 -47.17 -2.20
C ALA C 39 -5.57 -46.61 -3.58
N GLU C 40 -6.30 -45.57 -3.99
CA GLU C 40 -6.01 -44.84 -5.23
C GLU C 40 -4.71 -44.05 -5.11
N LEU C 41 -4.45 -43.53 -3.92
CA LEU C 41 -3.22 -42.79 -3.64
C LEU C 41 -1.99 -43.71 -3.64
N GLN C 42 -2.19 -44.94 -3.18
CA GLN C 42 -1.15 -45.99 -3.21
C GLN C 42 -0.51 -46.12 -4.60
N THR C 43 -1.35 -46.21 -5.62
CA THR C 43 -0.91 -46.34 -7.01
C THR C 43 -0.17 -45.10 -7.48
N LYS C 44 -0.70 -43.92 -7.15
CA LYS C 44 -0.09 -42.65 -7.52
C LYS C 44 1.31 -42.50 -6.89
N ILE C 45 1.43 -42.90 -5.62
CA ILE C 45 2.70 -42.85 -4.90
C ILE C 45 3.74 -43.78 -5.54
N GLN C 46 3.34 -45.03 -5.80
CA GLN C 46 4.23 -46.01 -6.41
C GLN C 46 4.71 -45.56 -7.78
N THR C 47 3.78 -45.06 -8.60
CA THR C 47 4.09 -44.58 -9.95
C THR C 47 5.16 -43.49 -9.91
N GLN C 48 5.02 -42.55 -8.98
CA GLN C 48 5.97 -41.44 -8.85
C GLN C 48 7.34 -41.91 -8.34
N LEU C 49 7.32 -42.82 -7.37
CA LEU C 49 8.57 -43.34 -6.79
C LEU C 49 9.34 -44.21 -7.76
N ASP C 50 8.62 -44.97 -8.60
CA ASP C 50 9.24 -45.74 -9.67
C ASP C 50 9.91 -44.80 -10.67
N ALA C 51 9.21 -43.73 -11.03
CA ALA C 51 9.74 -42.70 -11.93
C ALA C 51 10.97 -42.00 -11.35
N ASP C 52 10.94 -41.74 -10.04
CA ASP C 52 12.08 -41.16 -9.33
C ASP C 52 13.24 -42.15 -9.22
N ASP C 53 12.91 -43.41 -8.94
CA ASP C 53 13.89 -44.50 -8.94
C ASP C 53 14.54 -44.58 -10.31
N TRP C 54 13.71 -44.44 -11.35
CA TRP C 54 14.19 -44.47 -12.72
C TRP C 54 15.11 -43.28 -13.04
N LEU C 55 14.85 -42.13 -12.43
CA LEU C 55 15.66 -40.94 -12.66
C LEU C 55 17.07 -41.07 -12.08
N LEU C 56 17.16 -41.63 -10.86
CA LEU C 56 18.35 -41.49 -10.03
C LEU C 56 19.17 -42.76 -9.78
N SER C 57 18.60 -43.93 -10.03
CA SER C 57 19.21 -45.20 -9.63
C SER C 57 20.52 -45.57 -10.33
N THR C 58 21.51 -45.94 -9.53
CA THR C 58 22.75 -46.53 -10.03
C THR C 58 22.59 -48.03 -10.23
N TYR C 59 21.44 -48.54 -9.79
CA TYR C 59 21.12 -49.97 -9.87
C TYR C 59 20.32 -50.31 -11.13
N LYS C 60 19.79 -49.28 -11.78
CA LYS C 60 19.13 -49.42 -13.07
C LYS C 60 20.05 -48.96 -14.17
N ASN C 61 20.37 -49.86 -15.09
CA ASN C 61 21.34 -49.59 -16.14
C ASN C 61 20.90 -48.52 -17.15
N ASP C 62 19.58 -48.44 -17.37
CA ASP C 62 19.04 -47.49 -18.32
C ASP C 62 18.36 -46.31 -17.62
N SER C 63 18.74 -46.07 -16.37
CA SER C 63 18.25 -44.92 -15.64
C SER C 63 18.87 -43.65 -16.20
N ALA C 64 18.24 -42.51 -15.95
CA ALA C 64 18.70 -41.22 -16.47
C ALA C 64 20.15 -40.92 -16.03
N LEU C 65 20.47 -41.24 -14.79
CA LEU C 65 21.82 -41.01 -14.25
C LEU C 65 22.86 -41.91 -14.92
N MET C 66 22.50 -43.17 -15.14
CA MET C 66 23.41 -44.12 -15.77
C MET C 66 23.63 -43.86 -17.25
N ARG C 67 22.61 -43.33 -17.93
CA ARG C 67 22.74 -42.88 -19.31
C ARG C 67 23.85 -41.84 -19.42
N PHE C 68 23.87 -40.89 -18.48
CA PHE C 68 24.89 -39.87 -18.38
C PHE C 68 26.25 -40.48 -18.02
N ASN C 69 26.24 -41.45 -17.11
CA ASN C 69 27.46 -42.13 -16.68
C ASN C 69 28.08 -43.03 -17.76
N HIS C 70 27.23 -43.56 -18.64
CA HIS C 70 27.69 -44.39 -19.75
C HIS C 70 28.22 -43.55 -20.92
N SER C 71 27.89 -42.26 -20.93
CA SER C 71 28.27 -41.37 -22.01
C SER C 71 29.69 -40.83 -21.83
N ARG C 72 30.41 -40.75 -22.95
CA ARG C 72 31.77 -40.21 -22.96
C ARG C 72 31.77 -38.69 -23.23
N SER C 73 30.59 -38.18 -23.60
CA SER C 73 30.45 -36.80 -24.07
C SER C 73 30.81 -35.73 -23.03
N LEU C 74 31.53 -34.70 -23.48
CA LEU C 74 31.91 -33.57 -22.63
C LEU C 74 31.04 -32.33 -22.89
N ALA C 75 30.10 -32.47 -23.82
CA ALA C 75 29.17 -31.40 -24.15
C ALA C 75 28.01 -31.39 -23.14
N PRO C 76 27.21 -30.30 -23.11
CA PRO C 76 26.02 -30.27 -22.26
C PRO C 76 25.11 -31.47 -22.50
N TRP C 77 24.76 -32.17 -21.43
CA TRP C 77 23.93 -33.37 -21.50
C TRP C 77 22.53 -33.07 -20.97
N PRO C 78 21.50 -33.12 -21.86
CA PRO C 78 20.13 -32.82 -21.48
C PRO C 78 19.63 -33.64 -20.31
N VAL C 79 19.08 -32.97 -19.30
CA VAL C 79 18.46 -33.61 -18.14
C VAL C 79 17.17 -32.89 -17.75
N SER C 80 16.43 -33.46 -16.80
CA SER C 80 15.22 -32.84 -16.29
C SER C 80 15.53 -31.69 -15.33
N GLU C 81 14.51 -30.92 -14.95
CA GLU C 81 14.66 -29.88 -13.94
C GLU C 81 15.05 -30.46 -12.59
N ALA C 82 14.40 -31.56 -12.20
CA ALA C 82 14.69 -32.24 -10.95
C ALA C 82 16.15 -32.66 -10.91
N MET C 83 16.61 -33.35 -11.95
CA MET C 83 18.00 -33.80 -12.05
C MET C 83 18.98 -32.63 -11.88
N ALA C 84 18.70 -31.52 -12.57
CA ALA C 84 19.53 -30.32 -12.48
C ALA C 84 19.54 -29.74 -11.08
N ASP C 85 18.37 -29.70 -10.43
CA ASP C 85 18.25 -29.20 -9.06
C ASP C 85 18.92 -30.11 -8.04
N ILE C 86 18.77 -31.42 -8.22
CA ILE C 86 19.35 -32.40 -7.30
C ILE C 86 20.88 -32.29 -7.31
N VAL C 87 21.47 -32.29 -8.50
CA VAL C 87 22.92 -32.19 -8.65
C VAL C 87 23.45 -30.85 -8.13
N THR C 88 22.77 -29.75 -8.47
CA THR C 88 23.12 -28.42 -7.96
C THR C 88 23.20 -28.43 -6.43
N SER C 89 22.14 -28.91 -5.78
CA SER C 89 22.12 -29.02 -4.33
C SER C 89 23.25 -29.90 -3.82
N ALA C 90 23.46 -31.04 -4.47
CA ALA C 90 24.49 -32.00 -4.06
C ALA C 90 25.90 -31.43 -4.22
N LEU C 91 26.15 -30.70 -5.30
CA LEU C 91 27.44 -30.06 -5.55
C LEU C 91 27.75 -29.01 -4.48
N ARG C 92 26.74 -28.23 -4.11
CA ARG C 92 26.90 -27.16 -3.12
C ARG C 92 27.16 -27.71 -1.73
N ILE C 93 26.45 -28.76 -1.34
CA ILE C 93 26.71 -29.46 -0.08
C ILE C 93 28.14 -30.00 -0.09
N GLY C 94 28.56 -30.51 -1.24
CA GLY C 94 29.94 -30.95 -1.45
C GLY C 94 30.98 -29.91 -1.11
N ALA C 95 30.75 -28.67 -1.53
CA ALA C 95 31.65 -27.56 -1.25
C ALA C 95 31.62 -27.16 0.21
N LYS C 96 30.42 -27.05 0.78
CA LYS C 96 30.23 -26.63 2.17
C LYS C 96 30.68 -27.68 3.19
N THR C 97 30.87 -28.92 2.74
CA THR C 97 31.42 -30.00 3.57
C THR C 97 32.92 -30.20 3.31
N ASP C 98 33.53 -29.27 2.57
CA ASP C 98 34.96 -29.32 2.23
C ASP C 98 35.35 -30.61 1.50
N GLY C 99 34.49 -31.03 0.58
CA GLY C 99 34.73 -32.22 -0.25
C GLY C 99 34.37 -33.56 0.37
N ALA C 100 33.80 -33.54 1.57
CA ALA C 100 33.44 -34.76 2.29
C ALA C 100 32.29 -35.50 1.61
N MET C 101 31.20 -34.80 1.36
CA MET C 101 30.10 -35.34 0.58
C MET C 101 30.40 -35.07 -0.89
N ASP C 102 30.70 -36.14 -1.61
CA ASP C 102 31.19 -36.04 -2.98
C ASP C 102 30.44 -37.03 -3.87
N ILE C 103 29.52 -36.51 -4.68
CA ILE C 103 28.73 -37.35 -5.57
C ILE C 103 29.52 -37.98 -6.73
N THR C 104 30.79 -37.60 -6.86
CA THR C 104 31.66 -38.16 -7.89
C THR C 104 32.52 -39.33 -7.39
N VAL C 105 32.22 -39.85 -6.21
CA VAL C 105 32.95 -41.01 -5.67
C VAL C 105 32.50 -42.35 -6.26
N GLY C 106 31.61 -42.29 -7.25
CA GLY C 106 31.17 -43.46 -8.00
C GLY C 106 32.22 -44.53 -8.23
N PRO C 107 33.39 -44.16 -8.82
CA PRO C 107 34.46 -45.13 -9.08
C PRO C 107 35.02 -45.80 -7.81
N LEU C 108 35.11 -45.04 -6.72
CA LEU C 108 35.60 -45.57 -5.44
C LEU C 108 34.57 -46.48 -4.78
N VAL C 109 33.30 -46.17 -4.96
CA VAL C 109 32.20 -47.02 -4.52
C VAL C 109 32.26 -48.36 -5.26
N ASN C 110 32.42 -48.30 -6.58
CA ASN C 110 32.50 -49.47 -7.43
C ASN C 110 33.74 -50.32 -7.18
N LEU C 111 34.84 -49.68 -6.81
CA LEU C 111 36.08 -50.38 -6.47
C LEU C 111 35.91 -51.27 -5.24
N TRP C 112 35.36 -50.69 -4.17
CA TRP C 112 35.13 -51.42 -2.94
C TRP C 112 33.93 -52.36 -3.01
N GLY C 113 33.15 -52.24 -4.09
CA GLY C 113 31.98 -53.08 -4.33
C GLY C 113 30.79 -52.74 -3.46
N PHE C 114 30.58 -51.44 -3.22
CA PHE C 114 29.46 -50.98 -2.39
C PHE C 114 28.22 -50.62 -3.20
N GLY C 115 28.34 -50.65 -4.52
CA GLY C 115 27.21 -50.38 -5.40
C GLY C 115 26.57 -51.67 -5.91
N PRO C 116 26.03 -51.65 -7.15
CA PRO C 116 25.48 -52.86 -7.75
C PRO C 116 26.56 -53.81 -8.27
N ASP C 117 27.77 -53.28 -8.47
CA ASP C 117 28.85 -53.98 -9.17
C ASP C 117 29.39 -55.21 -8.42
N ARG C 118 30.16 -56.01 -9.17
CA ARG C 118 30.77 -57.24 -8.67
C ARG C 118 31.72 -56.98 -7.49
N GLN C 119 31.52 -57.74 -6.41
CA GLN C 119 32.38 -57.69 -5.23
C GLN C 119 33.83 -58.05 -5.61
N PRO C 120 34.80 -57.21 -5.19
CA PRO C 120 36.22 -57.38 -5.55
C PRO C 120 36.83 -58.71 -5.08
N LEU C 121 37.73 -59.25 -5.91
CA LEU C 121 38.42 -60.51 -5.61
C LEU C 121 39.43 -60.33 -4.47
N HIS C 122 40.05 -59.16 -4.41
CA HIS C 122 40.99 -58.81 -3.34
C HIS C 122 40.77 -57.37 -2.86
N ILE C 123 41.22 -57.09 -1.63
CA ILE C 123 41.14 -55.75 -1.06
C ILE C 123 41.97 -54.76 -1.90
N PRO C 124 41.34 -53.65 -2.35
CA PRO C 124 41.97 -52.66 -3.22
C PRO C 124 43.40 -52.28 -2.81
N THR C 125 44.31 -52.33 -3.78
CA THR C 125 45.70 -51.93 -3.57
C THR C 125 45.80 -50.41 -3.57
N PRO C 126 46.82 -49.85 -2.89
CA PRO C 126 47.05 -48.40 -2.90
C PRO C 126 47.08 -47.79 -4.30
N ALA C 127 47.58 -48.54 -5.28
CA ALA C 127 47.71 -48.06 -6.66
C ALA C 127 46.37 -47.92 -7.38
N GLN C 128 45.49 -48.91 -7.21
CA GLN C 128 44.18 -48.88 -7.87
C GLN C 128 43.16 -47.99 -7.14
N ILE C 129 43.43 -47.67 -5.88
CA ILE C 129 42.67 -46.65 -5.15
C ILE C 129 42.95 -45.28 -5.76
N ASP C 130 44.21 -45.03 -6.09
CA ASP C 130 44.64 -43.78 -6.73
C ASP C 130 44.03 -43.60 -8.12
N ALA C 131 43.92 -44.70 -8.86
CA ALA C 131 43.34 -44.70 -10.20
C ALA C 131 41.86 -44.34 -10.18
N ALA C 132 41.16 -44.80 -9.13
CA ALA C 132 39.75 -44.47 -8.94
C ALA C 132 39.58 -43.02 -8.46
N LYS C 133 40.50 -42.57 -7.61
CA LYS C 133 40.55 -41.17 -7.14
C LYS C 133 40.81 -40.20 -8.29
N ALA C 134 41.60 -40.63 -9.26
CA ALA C 134 41.92 -39.84 -10.45
C ALA C 134 40.69 -39.62 -11.34
N LYS C 135 39.65 -40.40 -11.10
CA LYS C 135 38.37 -40.29 -11.81
C LYS C 135 37.34 -39.56 -10.94
N THR C 136 37.82 -38.78 -9.98
CA THR C 136 36.99 -38.13 -8.97
C THR C 136 37.28 -36.63 -8.89
N GLY C 137 36.25 -35.85 -8.61
CA GLY C 137 36.39 -34.41 -8.39
C GLY C 137 35.11 -33.65 -8.62
N LEU C 138 34.74 -32.83 -7.64
CA LEU C 138 33.57 -31.95 -7.75
C LEU C 138 33.77 -30.88 -8.81
N GLN C 139 35.03 -30.54 -9.07
CA GLN C 139 35.39 -29.54 -10.09
C GLN C 139 35.17 -30.05 -11.51
N HIS C 140 34.93 -31.35 -11.64
CA HIS C 140 34.72 -31.97 -12.95
C HIS C 140 33.28 -31.87 -13.47
N LEU C 141 32.36 -31.46 -12.60
CA LEU C 141 30.93 -31.47 -12.94
C LEU C 141 30.28 -30.10 -12.74
N GLN C 142 29.33 -29.77 -13.62
CA GLN C 142 28.58 -28.53 -13.52
C GLN C 142 27.16 -28.65 -14.09
N VAL C 143 26.28 -27.75 -13.64
CA VAL C 143 24.90 -27.72 -14.06
C VAL C 143 24.64 -26.43 -14.84
N ILE C 144 23.94 -26.55 -15.95
CA ILE C 144 23.55 -25.38 -16.76
C ILE C 144 22.03 -25.28 -16.83
N ASP C 145 21.50 -24.13 -16.39
CA ASP C 145 20.06 -23.89 -16.41
C ASP C 145 19.66 -22.84 -17.45
N ARG C 146 18.58 -23.13 -18.17
CA ARG C 146 18.04 -22.24 -19.20
C ARG C 146 16.53 -22.20 -19.13
N ALA C 147 15.92 -21.35 -19.95
CA ALA C 147 14.47 -21.34 -20.09
C ALA C 147 14.02 -22.50 -20.98
N GLY C 148 13.44 -23.53 -20.36
CA GLY C 148 12.92 -24.68 -21.09
C GLY C 148 13.85 -25.86 -21.21
N HIS C 149 15.13 -25.64 -20.90
CA HIS C 149 16.15 -26.69 -21.01
C HIS C 149 17.13 -26.65 -19.83
N GLN C 150 17.67 -27.81 -19.47
CA GLN C 150 18.69 -27.92 -18.42
C GLN C 150 19.71 -28.97 -18.84
N PHE C 151 20.95 -28.81 -18.39
CA PHE C 151 22.04 -29.71 -18.77
C PHE C 151 22.98 -30.01 -17.60
N LEU C 152 23.53 -31.22 -17.61
CA LEU C 152 24.70 -31.54 -16.80
C LEU C 152 25.89 -31.58 -17.75
N GLN C 153 27.04 -31.13 -17.27
CA GLN C 153 28.25 -31.16 -18.07
C GLN C 153 29.45 -31.63 -17.26
N LYS C 154 30.20 -32.56 -17.83
CA LYS C 154 31.44 -33.04 -17.24
C LYS C 154 32.62 -32.73 -18.16
N ASP C 155 33.81 -32.58 -17.59
CA ASP C 155 35.03 -32.41 -18.38
C ASP C 155 35.95 -33.64 -18.23
N LEU C 156 35.39 -34.72 -17.69
CA LEU C 156 36.09 -35.98 -17.54
C LEU C 156 35.17 -37.11 -17.97
N PRO C 157 35.48 -37.76 -19.12
CA PRO C 157 34.58 -38.75 -19.71
C PRO C 157 34.20 -39.89 -18.76
N ASP C 158 35.16 -40.42 -18.01
CA ASP C 158 34.90 -41.55 -17.12
C ASP C 158 34.51 -41.18 -15.68
N LEU C 159 34.00 -39.96 -15.51
CA LEU C 159 33.39 -39.55 -14.24
C LEU C 159 32.14 -40.39 -14.00
N TYR C 160 31.90 -40.77 -12.76
CA TYR C 160 30.75 -41.61 -12.40
C TYR C 160 30.00 -40.96 -11.24
N VAL C 161 28.86 -40.36 -11.54
CA VAL C 161 28.07 -39.65 -10.54
C VAL C 161 27.18 -40.63 -9.77
N ASP C 162 27.23 -40.54 -8.45
CA ASP C 162 26.45 -41.38 -7.57
C ASP C 162 25.59 -40.50 -6.67
N LEU C 163 24.28 -40.64 -6.80
CA LEU C 163 23.33 -39.81 -6.04
C LEU C 163 22.65 -40.60 -4.91
N SER C 164 23.25 -41.73 -4.54
CA SER C 164 22.72 -42.64 -3.52
C SER C 164 22.40 -41.94 -2.20
N THR C 165 23.26 -41.02 -1.79
CA THR C 165 23.12 -40.36 -0.50
C THR C 165 22.19 -39.15 -0.54
N VAL C 166 21.49 -38.98 -1.66
CA VAL C 166 20.65 -37.79 -1.84
C VAL C 166 19.32 -38.14 -2.52
N GLY C 167 19.23 -39.35 -3.06
CA GLY C 167 18.05 -39.83 -3.77
C GLY C 167 16.80 -39.96 -2.91
N GLU C 168 16.93 -40.61 -1.75
CA GLU C 168 15.81 -40.78 -0.82
C GLU C 168 15.30 -39.42 -0.34
N GLY C 169 16.23 -38.53 -0.04
CA GLY C 169 15.90 -37.17 0.37
C GLY C 169 15.00 -36.47 -0.63
N TYR C 170 15.40 -36.49 -1.91
CA TYR C 170 14.58 -35.93 -2.98
C TYR C 170 13.22 -36.63 -3.03
N ALA C 171 13.23 -37.96 -3.03
CA ALA C 171 12.03 -38.77 -3.13
C ALA C 171 11.00 -38.39 -2.07
N ALA C 172 11.47 -38.15 -0.85
CA ALA C 172 10.60 -37.73 0.25
C ALA C 172 10.00 -36.35 0.01
N ASP C 173 10.85 -35.39 -0.35
CA ASP C 173 10.40 -34.03 -0.66
C ASP C 173 9.37 -34.02 -1.79
N HIS C 174 9.65 -34.79 -2.84
CA HIS C 174 8.81 -34.89 -4.03
C HIS C 174 7.48 -35.56 -3.69
N LEU C 175 7.51 -36.44 -2.69
CA LEU C 175 6.32 -37.15 -2.24
C LEU C 175 5.41 -36.22 -1.41
N ALA C 176 6.01 -35.24 -0.75
CA ALA C 176 5.29 -34.21 -0.02
C ALA C 176 4.56 -33.27 -0.98
N ARG C 177 5.20 -32.95 -2.10
CA ARG C 177 4.58 -32.18 -3.17
C ARG C 177 3.42 -32.93 -3.81
N LEU C 178 3.54 -34.26 -3.90
CA LEU C 178 2.46 -35.10 -4.42
C LEU C 178 1.23 -35.04 -3.53
N MET C 179 1.44 -35.06 -2.21
CA MET C 179 0.34 -35.00 -1.23
C MET C 179 -0.58 -33.81 -1.49
N GLU C 180 0.04 -32.64 -1.66
CA GLU C 180 -0.68 -31.41 -1.96
C GLU C 180 -1.39 -31.43 -3.31
N GLN C 181 -0.80 -32.11 -4.29
CA GLN C 181 -1.43 -32.31 -5.61
C GLN C 181 -2.70 -33.15 -5.50
N GLU C 182 -2.73 -34.03 -4.49
CA GLU C 182 -3.86 -34.94 -4.30
C GLU C 182 -4.87 -34.42 -3.28
N GLY C 183 -4.73 -33.16 -2.90
CA GLY C 183 -5.67 -32.53 -1.97
C GLY C 183 -5.49 -32.89 -0.52
N ILE C 184 -4.23 -33.13 -0.12
CA ILE C 184 -3.92 -33.48 1.27
C ILE C 184 -3.02 -32.42 1.91
N ALA C 185 -3.54 -31.79 2.95
CA ALA C 185 -2.85 -30.70 3.65
C ALA C 185 -2.02 -31.19 4.82
N ARG C 186 -2.48 -32.25 5.49
CA ARG C 186 -1.77 -32.81 6.64
C ARG C 186 -1.28 -34.23 6.40
N TYR C 187 0.03 -34.42 6.46
CA TYR C 187 0.67 -35.67 6.07
C TYR C 187 2.00 -35.91 6.77
N LEU C 188 2.46 -37.16 6.71
CA LEU C 188 3.83 -37.52 7.06
C LEU C 188 4.33 -38.42 5.93
N VAL C 189 5.51 -38.08 5.42
CA VAL C 189 6.07 -38.75 4.25
C VAL C 189 7.50 -39.20 4.54
N SER C 190 7.84 -40.41 4.10
CA SER C 190 9.14 -41.01 4.41
C SER C 190 9.63 -41.97 3.33
N VAL C 191 10.88 -41.81 2.92
CA VAL C 191 11.55 -42.76 2.02
C VAL C 191 12.91 -43.10 2.60
N GLY C 192 13.07 -44.36 3.01
CA GLY C 192 14.29 -44.81 3.68
C GLY C 192 14.47 -44.13 5.02
N GLY C 193 15.61 -43.46 5.20
CA GLY C 193 15.90 -42.74 6.44
C GLY C 193 15.60 -41.25 6.35
N ALA C 194 14.97 -40.84 5.25
CA ALA C 194 14.58 -39.44 5.03
C ALA C 194 13.09 -39.26 5.28
N LEU C 195 12.72 -38.11 5.80
CA LEU C 195 11.34 -37.88 6.26
C LEU C 195 10.93 -36.41 6.20
N SER C 196 9.66 -36.18 5.89
CA SER C 196 9.08 -34.84 5.86
C SER C 196 7.59 -34.86 6.24
N SER C 197 7.08 -33.74 6.75
CA SER C 197 5.71 -33.67 7.26
C SER C 197 5.06 -32.29 7.12
N ARG C 198 3.76 -32.24 7.40
CA ARG C 198 2.99 -30.99 7.39
C ARG C 198 1.71 -31.14 8.23
N GLY C 199 1.39 -30.10 9.00
CA GLY C 199 0.16 -30.05 9.79
C GLY C 199 0.16 -30.96 11.00
N MET C 200 -1.03 -31.32 11.46
CA MET C 200 -1.21 -32.18 12.63
C MET C 200 -1.74 -33.55 12.22
N ASN C 201 -1.51 -34.57 13.04
CA ASN C 201 -2.07 -35.90 12.81
C ASN C 201 -3.57 -35.94 13.15
N ALA C 202 -4.15 -37.14 13.15
CA ALA C 202 -5.58 -37.31 13.43
C ALA C 202 -6.00 -36.80 14.81
N GLN C 203 -5.07 -36.87 15.78
CA GLN C 203 -5.35 -36.42 17.14
C GLN C 203 -5.17 -34.91 17.33
N GLY C 204 -4.84 -34.21 16.25
CA GLY C 204 -4.55 -32.76 16.32
C GLY C 204 -3.25 -32.52 17.06
N GLN C 205 -2.25 -33.34 16.75
CA GLN C 205 -0.97 -33.33 17.43
C GLN C 205 0.14 -33.26 16.37
N PRO C 206 1.29 -32.66 16.73
CA PRO C 206 2.40 -32.69 15.76
C PRO C 206 2.82 -34.12 15.46
N TRP C 207 3.09 -34.40 14.19
CA TRP C 207 3.58 -35.71 13.77
C TRP C 207 4.77 -36.10 14.64
N ARG C 208 4.70 -37.30 15.21
CA ARG C 208 5.65 -37.71 16.24
C ARG C 208 6.93 -38.35 15.71
N VAL C 209 7.83 -37.51 15.21
CA VAL C 209 9.14 -37.95 14.73
C VAL C 209 10.07 -38.08 15.93
N ALA C 210 10.57 -39.29 16.13
CA ALA C 210 11.34 -39.60 17.33
C ALA C 210 12.81 -39.88 17.02
N ILE C 211 13.68 -39.34 17.87
CA ILE C 211 15.10 -39.72 17.88
C ILE C 211 15.53 -40.01 19.31
N GLN C 212 16.01 -41.23 19.53
CA GLN C 212 16.35 -41.68 20.89
C GLN C 212 17.79 -41.38 21.29
N LYS C 213 17.96 -41.05 22.57
CA LYS C 213 19.28 -40.86 23.18
C LYS C 213 19.57 -42.03 24.12
N PRO C 214 20.64 -42.78 23.84
CA PRO C 214 21.02 -43.92 24.68
C PRO C 214 21.37 -43.54 26.12
N THR C 215 20.58 -44.02 27.08
CA THR C 215 20.98 -44.00 28.48
C THR C 215 21.87 -45.23 28.70
N ASP C 216 21.33 -46.39 28.34
CA ASP C 216 22.08 -47.63 28.24
C ASP C 216 21.44 -48.51 27.16
N ARG C 217 21.37 -49.82 27.39
CA ARG C 217 20.77 -50.74 26.42
C ARG C 217 19.25 -50.86 26.62
N GLU C 218 18.82 -50.85 27.87
CA GLU C 218 17.39 -50.91 28.21
C GLU C 218 16.69 -49.57 27.97
N ASN C 219 17.19 -48.53 28.63
CA ASN C 219 16.53 -47.22 28.64
C ASN C 219 17.12 -46.21 27.66
N ALA C 220 16.26 -45.29 27.22
CA ALA C 220 16.64 -44.19 26.35
C ALA C 220 15.68 -43.02 26.54
N VAL C 221 16.22 -41.83 26.73
CA VAL C 221 15.39 -40.62 26.82
C VAL C 221 15.06 -40.16 25.39
N GLN C 222 13.87 -40.52 24.93
CA GLN C 222 13.41 -40.20 23.58
C GLN C 222 12.95 -38.74 23.48
N ALA C 223 13.33 -38.10 22.38
CA ALA C 223 12.95 -36.72 22.13
C ALA C 223 12.12 -36.61 20.86
N ILE C 224 11.02 -35.87 20.95
CA ILE C 224 10.08 -35.69 19.84
C ILE C 224 10.32 -34.36 19.14
N VAL C 225 10.45 -34.40 17.82
CA VAL C 225 10.72 -33.20 17.02
C VAL C 225 9.58 -32.84 16.05
N ASP C 226 9.54 -31.57 15.65
CA ASP C 226 8.53 -31.06 14.72
C ASP C 226 9.19 -30.61 13.42
N ILE C 227 9.11 -31.46 12.41
CA ILE C 227 9.81 -31.25 11.14
C ILE C 227 8.89 -30.66 10.06
N ASN C 228 7.70 -30.22 10.45
CA ASN C 228 6.73 -29.67 9.51
C ASN C 228 7.34 -28.58 8.62
N GLY C 229 7.23 -28.76 7.31
CA GLY C 229 7.79 -27.82 6.34
C GLY C 229 9.27 -28.06 6.03
N HIS C 230 9.90 -28.91 6.84
CA HIS C 230 11.32 -29.22 6.70
C HIS C 230 11.54 -30.70 6.39
N GLY C 231 12.81 -31.10 6.29
CA GLY C 231 13.19 -32.49 6.09
C GLY C 231 14.18 -32.98 7.12
N ILE C 232 13.96 -34.21 7.60
CA ILE C 232 14.88 -34.87 8.54
C ILE C 232 15.41 -36.18 7.96
N SER C 233 16.67 -36.50 8.25
CA SER C 233 17.29 -37.74 7.80
C SER C 233 18.38 -38.24 8.75
N THR C 234 18.50 -39.56 8.87
CA THR C 234 19.44 -40.18 9.80
C THR C 234 20.43 -41.10 9.09
N SER C 235 21.69 -41.01 9.49
CA SER C 235 22.74 -41.90 9.00
C SER C 235 23.35 -42.67 10.17
N GLY C 236 23.51 -43.98 9.99
CA GLY C 236 24.02 -44.85 11.05
C GLY C 236 22.92 -45.30 12.00
N SER C 237 23.24 -46.29 12.84
CA SER C 237 22.27 -46.81 13.81
C SER C 237 22.98 -47.31 15.07
N TYR C 238 22.61 -46.75 16.22
CA TYR C 238 23.20 -47.16 17.48
C TYR C 238 22.50 -48.41 18.03
N ARG C 239 21.25 -48.62 17.64
CA ARG C 239 20.50 -49.83 18.02
C ARG C 239 21.20 -51.07 17.47
N ASN C 240 21.61 -51.00 16.21
CA ASN C 240 22.33 -52.08 15.55
C ASN C 240 23.72 -52.30 16.15
N TYR C 241 24.39 -51.22 16.53
CA TYR C 241 25.70 -51.31 17.17
C TYR C 241 25.61 -52.05 18.51
N TYR C 242 24.57 -51.73 19.28
CA TYR C 242 24.31 -52.40 20.55
C TYR C 242 24.09 -53.90 20.37
N GLU C 243 23.26 -54.26 19.40
CA GLU C 243 22.87 -55.65 19.18
C GLU C 243 23.99 -56.49 18.59
N LEU C 244 24.78 -55.89 17.70
CA LEU C 244 25.84 -56.61 16.98
C LEU C 244 27.20 -56.48 17.67
N ASP C 245 27.26 -55.68 18.73
CA ASP C 245 28.49 -55.40 19.47
C ASP C 245 29.60 -54.89 18.54
N GLY C 246 29.25 -53.91 17.72
CA GLY C 246 30.16 -53.36 16.72
C GLY C 246 29.42 -52.91 15.46
N LYS C 247 30.18 -52.63 14.41
CA LYS C 247 29.60 -52.21 13.13
C LYS C 247 30.40 -52.73 11.94
N ARG C 248 29.73 -52.83 10.79
CA ARG C 248 30.35 -53.30 9.56
C ARG C 248 31.35 -52.28 9.01
N VAL C 249 32.20 -52.75 8.10
CA VAL C 249 33.05 -51.86 7.32
C VAL C 249 32.12 -50.90 6.60
N SER C 250 32.31 -49.61 6.87
CA SER C 250 31.40 -48.57 6.37
C SER C 250 31.39 -48.48 4.84
N HIS C 251 30.19 -48.29 4.30
CA HIS C 251 30.00 -48.13 2.86
C HIS C 251 30.13 -46.66 2.44
N VAL C 252 30.27 -45.79 3.43
CA VAL C 252 30.59 -44.39 3.23
C VAL C 252 32.11 -44.24 3.04
N ILE C 253 32.49 -43.60 1.95
CA ILE C 253 33.90 -43.49 1.57
C ILE C 253 34.44 -42.07 1.78
N ASP C 254 35.63 -41.99 2.36
CA ASP C 254 36.36 -40.73 2.51
C ASP C 254 37.06 -40.42 1.18
N PRO C 255 36.69 -39.31 0.53
CA PRO C 255 37.25 -38.98 -0.79
C PRO C 255 38.75 -38.68 -0.79
N GLN C 256 39.26 -38.22 0.35
CA GLN C 256 40.69 -37.87 0.44
C GLN C 256 41.60 -39.08 0.58
N THR C 257 41.12 -40.13 1.24
CA THR C 257 41.89 -41.36 1.44
C THR C 257 41.52 -42.43 0.40
N GLY C 258 40.30 -42.34 -0.13
CA GLY C 258 39.80 -43.36 -1.06
C GLY C 258 39.39 -44.64 -0.36
N ARG C 259 39.26 -44.56 0.97
CA ARG C 259 38.95 -45.72 1.81
C ARG C 259 37.69 -45.47 2.64
N PRO C 260 37.02 -46.56 3.08
CA PRO C 260 35.87 -46.45 3.99
C PRO C 260 36.21 -45.67 5.25
N ILE C 261 35.25 -44.88 5.74
CA ILE C 261 35.46 -44.10 6.95
C ILE C 261 35.54 -44.98 8.19
N GLU C 262 36.41 -44.60 9.11
CA GLU C 262 36.51 -45.27 10.39
C GLU C 262 36.53 -44.23 11.49
N HIS C 263 35.37 -44.01 12.08
CA HIS C 263 35.19 -42.97 13.10
C HIS C 263 34.43 -43.50 14.31
N ASN C 264 34.54 -42.78 15.42
CA ASN C 264 33.74 -43.06 16.61
C ASN C 264 32.32 -42.49 16.50
N LEU C 265 32.11 -41.61 15.53
CA LEU C 265 30.79 -41.08 15.21
C LEU C 265 29.91 -42.22 14.70
N VAL C 266 28.87 -42.54 15.46
CA VAL C 266 27.99 -43.69 15.18
C VAL C 266 26.75 -43.26 14.39
N SER C 267 26.12 -42.16 14.80
CA SER C 267 24.93 -41.66 14.13
C SER C 267 24.94 -40.15 13.95
N VAL C 268 24.35 -39.71 12.84
CA VAL C 268 24.12 -38.29 12.59
C VAL C 268 22.66 -38.11 12.14
N THR C 269 21.94 -37.23 12.82
CA THR C 269 20.60 -36.84 12.42
C THR C 269 20.59 -35.35 12.10
N VAL C 270 20.16 -35.02 10.87
CA VAL C 270 20.16 -33.65 10.39
C VAL C 270 18.73 -33.18 10.08
N ILE C 271 18.39 -31.99 10.57
CA ILE C 271 17.17 -31.30 10.16
C ILE C 271 17.57 -30.13 9.26
N ALA C 272 17.00 -30.09 8.06
CA ALA C 272 17.32 -29.08 7.07
C ALA C 272 16.04 -28.63 6.37
N PRO C 273 16.06 -27.45 5.71
CA PRO C 273 14.93 -26.95 4.92
C PRO C 273 14.25 -28.01 4.05
N THR C 274 15.04 -28.87 3.40
CA THR C 274 14.51 -29.98 2.60
C THR C 274 15.13 -31.31 3.04
N ALA C 275 14.42 -32.41 2.76
CA ALA C 275 14.91 -33.76 3.09
C ALA C 275 16.14 -34.15 2.27
N LEU C 276 16.23 -33.61 1.06
CA LEU C 276 17.38 -33.80 0.18
C LEU C 276 18.65 -33.31 0.84
N GLU C 277 18.58 -32.11 1.43
CA GLU C 277 19.72 -31.51 2.10
C GLU C 277 20.11 -32.28 3.35
N ALA C 278 19.10 -32.71 4.10
CA ALA C 278 19.31 -33.53 5.29
C ALA C 278 20.05 -34.82 4.92
N ASP C 279 19.56 -35.50 3.87
CA ASP C 279 20.16 -36.73 3.39
C ASP C 279 21.60 -36.53 2.96
N GLY C 280 21.87 -35.41 2.28
CA GLY C 280 23.21 -35.06 1.82
C GLY C 280 24.19 -34.76 2.95
N TRP C 281 23.76 -33.94 3.90
CA TRP C 281 24.60 -33.54 5.04
C TRP C 281 24.92 -34.72 5.96
N ASP C 282 23.98 -35.66 6.07
CA ASP C 282 24.18 -36.89 6.85
C ASP C 282 25.55 -37.50 6.57
N THR C 283 25.81 -37.75 5.30
CA THR C 283 27.02 -38.42 4.84
C THR C 283 28.24 -37.51 4.98
N GLY C 284 28.10 -36.25 4.57
CA GLY C 284 29.17 -35.27 4.70
C GLY C 284 29.71 -35.20 6.12
N LEU C 285 28.79 -35.04 7.09
CA LEU C 285 29.15 -34.96 8.50
C LEU C 285 29.73 -36.27 9.02
N MET C 286 29.21 -37.38 8.50
CA MET C 286 29.68 -38.71 8.84
C MET C 286 31.15 -38.92 8.42
N VAL C 287 31.51 -38.33 7.28
CA VAL C 287 32.86 -38.43 6.74
C VAL C 287 33.85 -37.58 7.55
N LEU C 288 33.46 -36.33 7.83
CA LEU C 288 34.31 -35.36 8.52
C LEU C 288 34.76 -35.82 9.91
N GLY C 289 33.88 -36.56 10.60
CA GLY C 289 34.17 -37.02 11.96
C GLY C 289 33.64 -36.06 13.00
N THR C 290 33.63 -36.50 14.26
CA THR C 290 33.04 -35.73 15.37
C THR C 290 33.49 -34.27 15.45
N GLN C 291 34.80 -34.05 15.53
CA GLN C 291 35.35 -32.69 15.68
C GLN C 291 35.03 -31.78 14.50
N LYS C 292 35.39 -32.22 13.30
CA LYS C 292 35.20 -31.41 12.10
C LYS C 292 33.73 -31.17 11.77
N ALA C 293 32.91 -32.20 11.95
CA ALA C 293 31.46 -32.08 11.74
C ALA C 293 30.87 -30.98 12.61
N GLN C 294 31.21 -31.01 13.91
CA GLN C 294 30.74 -30.00 14.87
C GLN C 294 31.15 -28.58 14.47
N GLU C 295 32.38 -28.43 13.99
CA GLU C 295 32.91 -27.12 13.56
C GLU C 295 32.12 -26.53 12.39
N VAL C 296 31.76 -27.38 11.44
CA VAL C 296 30.94 -26.96 10.28
C VAL C 296 29.52 -26.64 10.73
N VAL C 297 28.96 -27.49 11.59
CA VAL C 297 27.62 -27.30 12.15
C VAL C 297 27.53 -25.98 12.92
N ARG C 298 28.51 -25.71 13.77
CA ARG C 298 28.56 -24.45 14.53
C ARG C 298 28.71 -23.25 13.61
N ARG C 299 29.55 -23.39 12.59
CA ARG C 299 29.81 -22.30 11.65
C ARG C 299 28.56 -21.94 10.84
N GLU C 300 27.95 -22.96 10.24
CA GLU C 300 26.84 -22.73 9.32
C GLU C 300 25.47 -22.86 9.97
N GLY C 301 25.45 -22.97 11.30
CA GLY C 301 24.21 -23.01 12.08
C GLY C 301 23.25 -24.10 11.64
N LEU C 302 23.73 -25.33 11.61
CA LEU C 302 22.93 -26.47 11.18
C LEU C 302 22.22 -27.15 12.36
N ALA C 303 21.06 -27.71 12.09
CA ALA C 303 20.31 -28.45 13.09
C ALA C 303 20.72 -29.92 13.06
N VAL C 304 21.59 -30.29 14.00
CA VAL C 304 22.24 -31.60 13.97
C VAL C 304 22.28 -32.28 15.35
N PHE C 305 21.85 -33.54 15.37
CA PHE C 305 21.98 -34.40 16.54
C PHE C 305 22.88 -35.57 16.18
N MET C 306 23.89 -35.83 17.01
CA MET C 306 24.84 -36.88 16.73
C MET C 306 25.19 -37.76 17.94
N ILE C 307 25.39 -39.05 17.66
CA ILE C 307 25.76 -40.02 18.68
C ILE C 307 27.14 -40.59 18.35
N MET C 308 28.04 -40.57 19.34
CA MET C 308 29.37 -41.17 19.16
C MET C 308 29.70 -42.24 20.19
N LYS C 309 30.48 -43.23 19.74
CA LYS C 309 30.99 -44.31 20.57
C LYS C 309 31.97 -43.76 21.62
N GLU C 310 31.66 -44.00 22.88
CA GLU C 310 32.52 -43.55 23.98
C GLU C 310 32.54 -44.61 25.09
N GLY C 311 33.72 -45.18 25.33
CA GLY C 311 33.86 -46.29 26.28
C GLY C 311 33.02 -47.47 25.85
N GLU C 312 32.35 -48.09 26.81
CA GLU C 312 31.43 -49.20 26.53
C GLU C 312 30.01 -48.71 26.20
N GLY C 313 29.80 -47.41 26.32
CA GLY C 313 28.50 -46.80 26.05
C GLY C 313 28.54 -45.79 24.91
N PHE C 314 27.70 -44.76 25.01
CA PHE C 314 27.60 -43.73 23.98
C PHE C 314 27.45 -42.33 24.57
N LYS C 315 27.71 -41.33 23.72
CA LYS C 315 27.55 -39.92 24.09
C LYS C 315 26.76 -39.20 23.00
N THR C 316 25.93 -38.24 23.39
CA THR C 316 25.12 -37.48 22.45
C THR C 316 25.48 -35.99 22.45
N TRP C 317 25.34 -35.38 21.28
CA TRP C 317 25.55 -33.94 21.12
C TRP C 317 24.51 -33.38 20.17
N MET C 318 23.88 -32.26 20.55
CA MET C 318 23.00 -31.56 19.64
C MET C 318 23.27 -30.06 19.60
N SER C 319 23.21 -29.51 18.39
CA SER C 319 23.45 -28.09 18.15
C SER C 319 22.30 -27.23 18.67
N PRO C 320 22.55 -25.92 18.91
CA PRO C 320 21.49 -25.00 19.34
C PRO C 320 20.29 -25.01 18.39
N GLN C 321 20.55 -25.13 17.09
CA GLN C 321 19.51 -25.08 16.06
C GLN C 321 18.58 -26.28 16.14
N PHE C 322 19.13 -27.44 16.50
CA PHE C 322 18.35 -28.67 16.64
C PHE C 322 17.34 -28.54 17.78
N LYS C 323 17.76 -27.88 18.86
CA LYS C 323 16.92 -27.66 20.04
C LYS C 323 15.64 -26.90 19.73
N THR C 324 15.70 -26.06 18.69
CA THR C 324 14.55 -25.27 18.23
C THR C 324 13.38 -26.15 17.77
N PHE C 325 13.71 -27.31 17.23
CA PHE C 325 12.70 -28.21 16.66
C PHE C 325 12.09 -29.18 17.67
N LEU C 326 12.62 -29.17 18.89
CA LEU C 326 12.11 -30.03 19.96
C LEU C 326 10.69 -29.68 20.36
N VAL C 327 9.91 -30.71 20.71
CA VAL C 327 8.58 -30.53 21.26
C VAL C 327 8.60 -31.00 22.72
N SER C 328 8.22 -30.11 23.63
CA SER C 328 8.07 -30.45 25.05
C SER C 328 6.60 -30.81 25.34
N ASP C 329 6.27 -31.00 26.62
CA ASP C 329 4.90 -31.31 27.04
C ASP C 329 4.48 -30.56 28.30
N ALA D 14 1.88 -12.38 20.66
CA ALA D 14 2.56 -12.35 19.33
C ALA D 14 3.15 -10.97 19.03
N GLN D 15 4.46 -10.94 18.79
CA GLN D 15 5.16 -9.70 18.46
C GLN D 15 5.02 -9.39 16.97
N VAL D 16 4.60 -8.17 16.66
CA VAL D 16 4.41 -7.74 15.28
C VAL D 16 5.33 -6.56 14.96
N LEU D 17 6.11 -6.72 13.88
CA LEU D 17 7.04 -5.70 13.42
C LEU D 17 6.77 -5.39 11.96
N GLU D 18 6.99 -4.14 11.57
CA GLU D 18 6.85 -3.74 10.18
C GLU D 18 7.71 -2.51 9.81
N GLY D 19 7.97 -2.35 8.52
CA GLY D 19 8.81 -1.27 8.04
C GLY D 19 8.81 -1.17 6.52
N LYS D 20 9.84 -0.52 5.99
CA LYS D 20 9.94 -0.25 4.56
C LYS D 20 11.08 -1.01 3.89
N THR D 21 10.84 -1.42 2.64
CA THR D 21 11.85 -2.04 1.78
C THR D 21 11.37 -2.06 0.33
N MET D 22 12.31 -1.88 -0.60
CA MET D 22 12.07 -2.05 -2.03
C MET D 22 10.86 -1.25 -2.54
N GLY D 23 10.70 -0.03 -2.04
CA GLY D 23 9.58 0.84 -2.43
C GLY D 23 8.22 0.31 -2.02
N THR D 24 8.20 -0.59 -1.04
CA THR D 24 6.96 -1.15 -0.50
C THR D 24 7.11 -1.44 1.01
N LEU D 25 6.15 -2.16 1.58
CA LEU D 25 6.17 -2.42 3.03
C LEU D 25 6.39 -3.90 3.32
N TRP D 26 7.10 -4.17 4.41
CA TRP D 26 7.27 -5.53 4.91
C TRP D 26 6.62 -5.69 6.28
N ARG D 27 6.19 -6.91 6.59
CA ARG D 27 5.53 -7.23 7.86
C ARG D 27 5.96 -8.59 8.37
N VAL D 28 6.32 -8.62 9.66
CA VAL D 28 6.72 -9.85 10.32
C VAL D 28 5.91 -10.01 11.62
N SER D 29 5.33 -11.19 11.80
CA SER D 29 4.65 -11.54 13.05
C SER D 29 5.27 -12.80 13.65
N VAL D 30 5.69 -12.71 14.90
CA VAL D 30 6.35 -13.84 15.57
C VAL D 30 5.75 -14.17 16.93
N VAL D 31 5.75 -15.46 17.24
CA VAL D 31 5.29 -15.96 18.52
C VAL D 31 6.44 -16.72 19.18
N GLY D 32 6.70 -16.43 20.46
CA GLY D 32 7.72 -17.14 21.22
C GLY D 32 8.83 -16.27 21.78
N ILE D 33 8.91 -15.02 21.31
CA ILE D 33 9.97 -14.11 21.74
C ILE D 33 9.49 -12.88 22.52
N ASP D 34 10.38 -12.39 23.37
CA ASP D 34 10.18 -11.21 24.21
C ASP D 34 10.15 -9.93 23.36
N ALA D 35 9.54 -8.88 23.89
CA ALA D 35 9.44 -7.58 23.18
C ALA D 35 10.80 -6.91 22.97
N LYS D 36 11.75 -7.20 23.85
CA LYS D 36 13.13 -6.70 23.71
C LYS D 36 13.84 -7.39 22.55
N ARG D 37 13.64 -8.70 22.41
CA ARG D 37 14.21 -9.47 21.31
C ARG D 37 13.58 -9.06 19.98
N ALA D 38 12.29 -8.73 20.02
CA ALA D 38 11.55 -8.27 18.84
C ALA D 38 12.12 -6.96 18.31
N ALA D 39 12.50 -6.06 19.22
CA ALA D 39 13.16 -4.81 18.85
C ALA D 39 14.52 -5.07 18.20
N GLU D 40 15.21 -6.11 18.67
CA GLU D 40 16.49 -6.54 18.10
C GLU D 40 16.30 -7.27 16.77
N LEU D 41 15.14 -7.90 16.62
CA LEU D 41 14.79 -8.61 15.39
C LEU D 41 14.52 -7.63 14.25
N GLN D 42 13.89 -6.51 14.59
CA GLN D 42 13.64 -5.41 13.66
C GLN D 42 14.92 -5.00 12.92
N THR D 43 16.01 -4.85 13.68
CA THR D 43 17.31 -4.45 13.13
C THR D 43 17.85 -5.50 12.16
N LYS D 44 17.79 -6.77 12.55
CA LYS D 44 18.30 -7.86 11.74
C LYS D 44 17.50 -8.06 10.44
N ILE D 45 16.17 -7.93 10.55
CA ILE D 45 15.28 -7.99 9.41
C ILE D 45 15.61 -6.88 8.41
N GLN D 46 15.77 -5.65 8.91
CA GLN D 46 16.06 -4.50 8.05
C GLN D 46 17.42 -4.64 7.37
N THR D 47 18.42 -5.10 8.12
CA THR D 47 19.76 -5.33 7.57
C THR D 47 19.70 -6.32 6.40
N GLN D 48 18.95 -7.41 6.58
CA GLN D 48 18.84 -8.44 5.57
C GLN D 48 18.08 -7.98 4.32
N LEU D 49 17.05 -7.16 4.53
CA LEU D 49 16.26 -6.63 3.42
C LEU D 49 17.02 -5.58 2.61
N ASP D 50 17.80 -4.76 3.31
CA ASP D 50 18.69 -3.80 2.67
C ASP D 50 19.70 -4.52 1.79
N ALA D 51 20.19 -5.66 2.27
CA ALA D 51 21.09 -6.51 1.49
C ALA D 51 20.42 -7.07 0.24
N ASP D 52 19.20 -7.60 0.40
CA ASP D 52 18.41 -8.15 -0.71
C ASP D 52 18.06 -7.06 -1.73
N ASP D 53 17.84 -5.85 -1.24
CA ASP D 53 17.64 -4.68 -2.08
C ASP D 53 18.91 -4.38 -2.87
N TRP D 54 20.05 -4.46 -2.19
CA TRP D 54 21.36 -4.25 -2.81
C TRP D 54 21.79 -5.38 -3.75
N LEU D 55 21.06 -6.50 -3.69
CA LEU D 55 21.32 -7.62 -4.59
C LEU D 55 20.47 -7.53 -5.86
N LEU D 56 19.22 -7.09 -5.71
CA LEU D 56 18.22 -7.24 -6.77
C LEU D 56 17.66 -5.96 -7.41
N SER D 57 17.83 -4.81 -6.75
CA SER D 57 17.19 -3.56 -7.19
C SER D 57 17.59 -3.09 -8.59
N THR D 58 16.60 -2.63 -9.34
CA THR D 58 16.84 -1.97 -10.61
C THR D 58 16.93 -0.46 -10.42
N TYR D 59 16.61 -0.02 -9.20
CA TYR D 59 16.59 1.40 -8.84
C TYR D 59 17.92 1.85 -8.24
N LYS D 60 18.85 0.92 -8.10
CA LYS D 60 20.19 1.20 -7.58
C LYS D 60 21.25 0.71 -8.57
N ASN D 61 21.97 1.65 -9.17
CA ASN D 61 22.94 1.34 -10.23
C ASN D 61 24.12 0.45 -9.81
N ASP D 62 24.45 0.49 -8.52
CA ASP D 62 25.55 -0.31 -7.97
C ASP D 62 25.11 -1.65 -7.35
N SER D 63 23.86 -2.03 -7.58
CA SER D 63 23.36 -3.33 -7.12
C SER D 63 24.00 -4.47 -7.90
N ALA D 64 23.99 -5.66 -7.31
CA ALA D 64 24.57 -6.84 -7.95
C ALA D 64 23.99 -7.08 -9.34
N LEU D 65 22.67 -7.02 -9.45
CA LEU D 65 21.97 -7.20 -10.72
C LEU D 65 22.35 -6.13 -11.74
N MET D 66 22.30 -4.87 -11.29
CA MET D 66 22.51 -3.73 -12.18
C MET D 66 23.94 -3.70 -12.73
N ARG D 67 24.90 -4.12 -11.91
CA ARG D 67 26.30 -4.23 -12.36
C ARG D 67 26.46 -5.28 -13.46
N PHE D 68 25.64 -6.33 -13.41
CA PHE D 68 25.60 -7.32 -14.50
C PHE D 68 24.91 -6.73 -15.72
N ASN D 69 23.90 -5.90 -15.50
CA ASN D 69 23.18 -5.22 -16.59
C ASN D 69 24.01 -4.16 -17.31
N HIS D 70 24.88 -3.49 -16.56
CA HIS D 70 25.74 -2.46 -17.14
CA HIS D 70 25.76 -2.45 -17.10
C HIS D 70 26.96 -3.08 -17.85
N SER D 71 27.22 -4.35 -17.55
CA SER D 71 28.31 -5.07 -18.20
C SER D 71 27.97 -5.45 -19.64
N ARG D 72 28.96 -5.30 -20.52
CA ARG D 72 28.83 -5.63 -21.93
C ARG D 72 29.31 -7.05 -22.23
N SER D 73 29.96 -7.67 -21.25
CA SER D 73 30.63 -8.97 -21.41
C SER D 73 29.69 -10.13 -21.68
N LEU D 74 30.12 -11.04 -22.56
CA LEU D 74 29.39 -12.26 -22.87
C LEU D 74 29.95 -13.48 -22.14
N ALA D 75 30.97 -13.24 -21.32
CA ALA D 75 31.60 -14.28 -20.51
C ALA D 75 30.72 -14.62 -19.29
N PRO D 76 31.05 -15.71 -18.57
CA PRO D 76 30.33 -16.00 -17.33
C PRO D 76 30.54 -14.92 -16.27
N TRP D 77 29.45 -14.37 -15.76
CA TRP D 77 29.50 -13.30 -14.76
C TRP D 77 29.25 -13.86 -13.35
N PRO D 78 30.30 -13.85 -12.49
CA PRO D 78 30.22 -14.41 -11.14
C PRO D 78 29.12 -13.77 -10.28
N VAL D 79 28.27 -14.63 -9.71
CA VAL D 79 27.14 -14.20 -8.87
C VAL D 79 26.97 -15.11 -7.64
N SER D 80 26.13 -14.67 -6.70
CA SER D 80 25.83 -15.43 -5.48
C SER D 80 24.85 -16.58 -5.76
N GLU D 81 24.79 -17.54 -4.83
CA GLU D 81 23.88 -18.68 -4.94
C GLU D 81 22.42 -18.25 -5.02
N ALA D 82 22.08 -17.22 -4.25
CA ALA D 82 20.75 -16.61 -4.27
C ALA D 82 20.44 -16.09 -5.67
N MET D 83 21.33 -15.25 -6.21
CA MET D 83 21.15 -14.67 -7.55
C MET D 83 20.96 -15.75 -8.61
N ALA D 84 21.78 -16.79 -8.57
CA ALA D 84 21.70 -17.90 -9.51
C ALA D 84 20.37 -18.65 -9.40
N ASP D 85 19.92 -18.87 -8.15
CA ASP D 85 18.66 -19.57 -7.89
C ASP D 85 17.44 -18.77 -8.35
N ILE D 86 17.43 -17.48 -8.04
CA ILE D 86 16.35 -16.57 -8.43
C ILE D 86 16.18 -16.53 -9.96
N VAL D 87 17.30 -16.35 -10.68
CA VAL D 87 17.28 -16.31 -12.14
C VAL D 87 16.85 -17.66 -12.74
N THR D 88 17.32 -18.75 -12.13
CA THR D 88 16.93 -20.11 -12.57
C THR D 88 15.42 -20.31 -12.45
N SER D 89 14.85 -19.94 -11.30
CA SER D 89 13.41 -20.01 -11.08
C SER D 89 12.64 -19.18 -12.09
N ALA D 90 13.12 -17.96 -12.34
CA ALA D 90 12.47 -17.03 -13.24
C ALA D 90 12.50 -17.47 -14.70
N LEU D 91 13.61 -18.09 -15.13
CA LEU D 91 13.73 -18.60 -16.48
C LEU D 91 12.77 -19.77 -16.72
N ARG D 92 12.62 -20.63 -15.71
CA ARG D 92 11.77 -21.82 -15.83
C ARG D 92 10.29 -21.47 -15.87
N ILE D 93 9.88 -20.54 -15.01
CA ILE D 93 8.50 -20.04 -15.03
C ILE D 93 8.20 -19.37 -16.36
N GLY D 94 9.19 -18.64 -16.89
CA GLY D 94 9.09 -18.01 -18.20
C GLY D 94 8.77 -18.98 -19.31
N ALA D 95 9.54 -20.07 -19.39
CA ALA D 95 9.30 -21.12 -20.37
C ALA D 95 7.94 -21.77 -20.18
N LYS D 96 7.58 -22.05 -18.93
CA LYS D 96 6.32 -22.70 -18.60
C LYS D 96 5.09 -21.80 -18.81
N THR D 97 5.31 -20.49 -18.85
CA THR D 97 4.25 -19.54 -19.20
C THR D 97 4.32 -19.14 -20.68
N ASP D 98 5.09 -19.92 -21.46
CA ASP D 98 5.27 -19.70 -22.90
C ASP D 98 5.83 -18.30 -23.22
N GLY D 99 6.74 -17.82 -22.39
CA GLY D 99 7.39 -16.53 -22.61
C GLY D 99 6.69 -15.31 -22.02
N ALA D 100 5.51 -15.51 -21.43
CA ALA D 100 4.71 -14.43 -20.85
C ALA D 100 5.43 -13.74 -19.68
N MET D 101 5.94 -14.53 -18.74
CA MET D 101 6.75 -14.02 -17.65
C MET D 101 8.20 -13.96 -18.11
N ASP D 102 8.64 -12.77 -18.50
CA ASP D 102 9.95 -12.58 -19.12
C ASP D 102 10.80 -11.60 -18.31
N ILE D 103 11.86 -12.10 -17.68
CA ILE D 103 12.75 -11.22 -16.90
C ILE D 103 13.69 -10.37 -17.76
N THR D 104 13.78 -10.69 -19.05
CA THR D 104 14.62 -9.92 -19.99
C THR D 104 13.85 -8.76 -20.62
N VAL D 105 12.63 -8.54 -20.13
CA VAL D 105 11.72 -7.53 -20.67
C VAL D 105 12.10 -6.10 -20.25
N GLY D 106 13.25 -5.97 -19.59
CA GLY D 106 13.79 -4.69 -19.12
C GLY D 106 13.68 -3.51 -20.08
N PRO D 107 14.22 -3.64 -21.32
CA PRO D 107 14.15 -2.57 -22.32
C PRO D 107 12.74 -2.04 -22.57
N LEU D 108 11.76 -2.95 -22.65
CA LEU D 108 10.36 -2.57 -22.88
C LEU D 108 9.75 -1.84 -21.68
N VAL D 109 10.09 -2.28 -20.47
CA VAL D 109 9.63 -1.65 -19.23
C VAL D 109 10.08 -0.18 -19.17
N ASN D 110 11.35 0.05 -19.48
CA ASN D 110 11.92 1.41 -19.51
C ASN D 110 11.35 2.28 -20.63
N LEU D 111 11.01 1.65 -21.75
CA LEU D 111 10.42 2.36 -22.89
C LEU D 111 9.11 3.05 -22.52
N TRP D 112 8.24 2.32 -21.83
CA TRP D 112 6.95 2.86 -21.39
C TRP D 112 7.07 3.70 -20.12
N GLY D 113 8.20 3.58 -19.42
CA GLY D 113 8.48 4.37 -18.23
C GLY D 113 8.02 3.74 -16.93
N PHE D 114 7.89 2.41 -16.93
CA PHE D 114 7.39 1.68 -15.76
C PHE D 114 8.50 1.26 -14.80
N GLY D 115 9.74 1.68 -15.10
CA GLY D 115 10.90 1.38 -14.27
C GLY D 115 11.48 2.63 -13.61
N PRO D 116 12.79 2.62 -13.32
CA PRO D 116 13.46 3.75 -12.68
C PRO D 116 13.85 4.88 -13.64
N ASP D 117 13.80 4.60 -14.95
CA ASP D 117 14.29 5.54 -15.96
C ASP D 117 13.35 6.73 -16.24
N ARG D 118 13.83 7.65 -17.06
CA ARG D 118 13.09 8.82 -17.51
C ARG D 118 11.77 8.42 -18.20
N GLN D 119 10.70 9.16 -17.89
CA GLN D 119 9.39 8.95 -18.49
C GLN D 119 9.41 9.39 -19.96
N PRO D 120 8.88 8.54 -20.88
CA PRO D 120 8.90 8.81 -22.33
C PRO D 120 8.17 10.10 -22.71
N LEU D 121 8.76 10.84 -23.65
CA LEU D 121 8.19 12.08 -24.17
C LEU D 121 6.91 11.83 -24.95
N HIS D 122 6.88 10.73 -25.70
CA HIS D 122 5.72 10.35 -26.51
C HIS D 122 5.34 8.88 -26.33
N ILE D 123 4.17 8.51 -26.86
CA ILE D 123 3.72 7.13 -26.91
C ILE D 123 4.67 6.34 -27.81
N PRO D 124 5.25 5.23 -27.29
CA PRO D 124 6.16 4.37 -28.06
C PRO D 124 5.61 4.00 -29.44
N THR D 125 6.37 4.32 -30.48
CA THR D 125 6.00 4.00 -31.86
C THR D 125 6.31 2.53 -32.16
N PRO D 126 5.52 1.89 -33.05
CA PRO D 126 5.75 0.51 -33.46
C PRO D 126 7.22 0.16 -33.72
N ALA D 127 7.95 1.08 -34.33
CA ALA D 127 9.37 0.89 -34.67
C ALA D 127 10.27 0.76 -33.45
N GLN D 128 10.04 1.61 -32.44
CA GLN D 128 10.86 1.58 -31.23
C GLN D 128 10.35 0.59 -30.17
N ILE D 129 9.19 -0.01 -30.44
CA ILE D 129 8.71 -1.16 -29.67
C ILE D 129 9.40 -2.42 -30.20
N ASP D 130 9.53 -2.52 -31.52
CA ASP D 130 10.23 -3.62 -32.17
C ASP D 130 11.73 -3.57 -31.89
N ALA D 131 12.28 -2.35 -31.84
CA ALA D 131 13.69 -2.13 -31.55
C ALA D 131 14.02 -2.47 -30.10
N ALA D 132 13.05 -2.27 -29.21
CA ALA D 132 13.21 -2.58 -27.79
C ALA D 132 13.15 -4.07 -27.51
N LYS D 133 12.20 -4.77 -28.12
CA LYS D 133 12.04 -6.21 -27.89
C LYS D 133 13.03 -7.07 -28.66
N ALA D 134 13.77 -6.45 -29.58
CA ALA D 134 14.89 -7.11 -30.25
C ALA D 134 16.07 -7.23 -29.28
N LYS D 135 15.95 -6.57 -28.13
CA LYS D 135 16.95 -6.65 -27.05
C LYS D 135 16.50 -7.58 -25.93
N THR D 136 15.39 -8.29 -26.16
CA THR D 136 14.83 -9.20 -25.18
C THR D 136 14.85 -10.65 -25.67
N GLY D 137 14.61 -11.58 -24.77
CA GLY D 137 14.58 -13.00 -25.12
C GLY D 137 15.16 -13.86 -24.03
N LEU D 138 14.37 -14.82 -23.55
CA LEU D 138 14.76 -15.71 -22.46
C LEU D 138 15.90 -16.64 -22.87
N GLN D 139 16.01 -16.89 -24.17
CA GLN D 139 17.06 -17.74 -24.74
C GLN D 139 18.44 -17.07 -24.70
N HIS D 140 18.46 -15.78 -24.39
CA HIS D 140 19.70 -15.00 -24.36
C HIS D 140 20.42 -15.05 -23.01
N LEU D 141 19.83 -15.75 -22.04
CA LEU D 141 20.38 -15.81 -20.69
C LEU D 141 20.43 -17.23 -20.15
N GLN D 142 21.51 -17.56 -19.45
CA GLN D 142 21.67 -18.88 -18.81
C GLN D 142 22.42 -18.79 -17.48
N VAL D 143 22.22 -19.80 -16.65
CA VAL D 143 22.86 -19.89 -15.33
C VAL D 143 23.79 -21.11 -15.30
N ILE D 144 24.97 -20.94 -14.72
CA ILE D 144 25.92 -22.02 -14.52
C ILE D 144 26.14 -22.24 -13.02
N ASP D 145 25.93 -23.48 -12.58
CA ASP D 145 26.10 -23.85 -11.18
C ASP D 145 27.24 -24.84 -11.00
N ARG D 146 28.15 -24.48 -10.08
CA ARG D 146 29.31 -25.31 -9.77
C ARG D 146 29.42 -25.43 -8.25
N ALA D 147 30.38 -26.21 -7.78
CA ALA D 147 30.58 -26.41 -6.35
C ALA D 147 31.39 -25.26 -5.76
N GLY D 148 30.69 -24.25 -5.23
CA GLY D 148 31.33 -23.09 -4.64
C GLY D 148 31.36 -21.83 -5.49
N HIS D 149 30.85 -21.94 -6.72
CA HIS D 149 30.78 -20.79 -7.65
C HIS D 149 29.57 -20.86 -8.57
N GLN D 150 28.95 -19.69 -8.80
CA GLN D 150 27.74 -19.58 -9.62
C GLN D 150 27.92 -18.44 -10.63
N PHE D 151 27.37 -18.63 -11.82
CA PHE D 151 27.54 -17.66 -12.91
C PHE D 151 26.25 -17.36 -13.67
N LEU D 152 26.10 -16.12 -14.11
CA LEU D 152 25.09 -15.75 -15.10
C LEU D 152 25.80 -15.48 -16.40
N GLN D 153 25.20 -15.89 -17.52
CA GLN D 153 25.79 -15.65 -18.83
C GLN D 153 24.77 -15.25 -19.89
N LYS D 154 25.05 -14.13 -20.56
CA LYS D 154 24.22 -13.63 -21.64
C LYS D 154 24.98 -13.64 -22.97
N ASP D 155 24.27 -13.87 -24.07
CA ASP D 155 24.87 -13.83 -25.41
C ASP D 155 24.46 -12.57 -26.18
N LEU D 156 23.84 -11.63 -25.48
CA LEU D 156 23.45 -10.36 -26.05
C LEU D 156 23.92 -9.25 -25.10
N PRO D 157 24.86 -8.40 -25.55
CA PRO D 157 25.52 -7.42 -24.70
C PRO D 157 24.58 -6.40 -24.06
N ASP D 158 23.53 -6.02 -24.78
CA ASP D 158 22.59 -5.00 -24.28
C ASP D 158 21.31 -5.57 -23.68
N LEU D 159 21.39 -6.81 -23.16
CA LEU D 159 20.29 -7.43 -22.45
C LEU D 159 20.12 -6.80 -21.07
N TYR D 160 18.87 -6.61 -20.66
CA TYR D 160 18.57 -5.95 -19.38
C TYR D 160 17.64 -6.83 -18.53
N VAL D 161 18.22 -7.48 -17.53
CA VAL D 161 17.48 -8.37 -16.65
C VAL D 161 16.72 -7.55 -15.60
N ASP D 162 15.44 -7.86 -15.44
CA ASP D 162 14.56 -7.17 -14.49
C ASP D 162 13.91 -8.22 -13.59
N LEU D 163 14.22 -8.16 -12.30
CA LEU D 163 13.71 -9.14 -11.35
C LEU D 163 12.71 -8.52 -10.38
N SER D 164 12.11 -7.40 -10.76
CA SER D 164 11.17 -6.69 -9.90
C SER D 164 9.88 -7.49 -9.62
N THR D 165 9.50 -8.35 -10.56
CA THR D 165 8.29 -9.17 -10.41
C THR D 165 8.53 -10.45 -9.60
N VAL D 166 9.74 -10.63 -9.09
CA VAL D 166 10.11 -11.84 -8.39
C VAL D 166 10.89 -11.54 -7.11
N GLY D 167 11.27 -10.27 -6.94
CA GLY D 167 12.13 -9.81 -5.84
C GLY D 167 11.49 -9.85 -4.47
N GLU D 168 10.23 -9.42 -4.38
CA GLU D 168 9.49 -9.48 -3.12
C GLU D 168 9.32 -10.91 -2.63
N GLY D 169 9.06 -11.83 -3.57
CA GLY D 169 8.92 -13.24 -3.27
C GLY D 169 10.14 -13.80 -2.57
N TYR D 170 11.33 -13.54 -3.14
CA TYR D 170 12.58 -13.97 -2.54
C TYR D 170 12.78 -13.38 -1.15
N ALA D 171 12.54 -12.07 -1.04
CA ALA D 171 12.73 -11.34 0.21
C ALA D 171 11.92 -11.94 1.36
N ALA D 172 10.70 -12.40 1.06
CA ALA D 172 9.86 -13.09 2.03
C ALA D 172 10.40 -14.48 2.37
N ASP D 173 10.84 -15.22 1.35
CA ASP D 173 11.45 -16.54 1.54
C ASP D 173 12.72 -16.48 2.37
N HIS D 174 13.59 -15.52 2.04
CA HIS D 174 14.84 -15.31 2.75
C HIS D 174 14.60 -14.84 4.18
N LEU D 175 13.49 -14.11 4.36
CA LEU D 175 13.10 -13.61 5.67
C LEU D 175 12.56 -14.75 6.54
N ALA D 176 11.95 -15.74 5.88
CA ALA D 176 11.47 -16.94 6.56
C ALA D 176 12.62 -17.81 7.07
N ARG D 177 13.72 -17.83 6.34
CA ARG D 177 14.94 -18.54 6.76
C ARG D 177 15.62 -17.83 7.93
N LEU D 178 15.53 -16.51 7.96
CA LEU D 178 16.10 -15.71 9.06
C LEU D 178 15.41 -16.02 10.38
N MET D 179 14.10 -16.27 10.33
CA MET D 179 13.33 -16.69 11.51
C MET D 179 13.87 -18.00 12.07
N GLU D 180 14.16 -18.94 11.18
CA GLU D 180 14.78 -20.22 11.57
C GLU D 180 16.17 -20.02 12.17
N GLN D 181 16.92 -19.06 11.62
CA GLN D 181 18.27 -18.75 12.09
C GLN D 181 18.28 -18.05 13.45
N GLU D 182 17.22 -17.30 13.73
CA GLU D 182 17.06 -16.62 15.01
C GLU D 182 16.43 -17.51 16.08
N GLY D 183 16.06 -18.72 15.67
CA GLY D 183 15.45 -19.69 16.58
C GLY D 183 13.96 -19.50 16.80
N ILE D 184 13.27 -19.08 15.74
CA ILE D 184 11.82 -18.86 15.77
C ILE D 184 11.12 -19.84 14.84
N ALA D 185 10.18 -20.61 15.41
CA ALA D 185 9.49 -21.67 14.70
C ALA D 185 8.11 -21.24 14.21
N ARG D 186 7.53 -20.24 14.87
CA ARG D 186 6.17 -19.79 14.58
C ARG D 186 6.18 -18.35 14.12
N TYR D 187 5.85 -18.13 12.84
CA TYR D 187 5.96 -16.81 12.21
C TYR D 187 5.07 -16.63 10.99
N LEU D 188 4.74 -15.37 10.71
CA LEU D 188 4.23 -14.95 9.40
C LEU D 188 5.15 -13.86 8.87
N VAL D 189 5.51 -13.97 7.60
CA VAL D 189 6.42 -13.03 6.96
C VAL D 189 5.82 -12.54 5.66
N SER D 190 5.86 -11.23 5.43
CA SER D 190 5.36 -10.66 4.17
C SER D 190 6.21 -9.50 3.67
N VAL D 191 6.50 -9.51 2.38
CA VAL D 191 7.15 -8.38 1.71
C VAL D 191 6.29 -7.99 0.51
N GLY D 192 5.66 -6.82 0.58
CA GLY D 192 4.71 -6.39 -0.44
C GLY D 192 3.51 -7.32 -0.47
N GLY D 193 3.19 -7.84 -1.66
CA GLY D 193 2.07 -8.77 -1.83
C GLY D 193 2.47 -10.24 -1.76
N ALA D 194 3.58 -10.53 -1.09
CA ALA D 194 4.12 -11.89 -1.00
C ALA D 194 4.26 -12.33 0.45
N LEU D 195 3.60 -13.43 0.80
CA LEU D 195 3.62 -13.94 2.17
C LEU D 195 4.20 -15.35 2.29
N SER D 196 4.76 -15.63 3.45
CA SER D 196 5.22 -16.97 3.81
C SER D 196 4.95 -17.19 5.30
N SER D 197 4.63 -18.43 5.67
CA SER D 197 4.06 -18.73 6.97
C SER D 197 4.57 -20.04 7.56
N ARG D 198 4.58 -20.13 8.89
CA ARG D 198 4.91 -21.37 9.59
C ARG D 198 4.32 -21.46 10.99
N GLY D 199 3.73 -22.63 11.30
CA GLY D 199 3.26 -22.94 12.65
C GLY D 199 1.96 -22.27 13.04
N MET D 200 1.73 -22.19 14.34
CA MET D 200 0.52 -21.61 14.90
C MET D 200 0.79 -20.18 15.36
N ASN D 201 -0.24 -19.34 15.35
CA ASN D 201 -0.13 -17.99 15.93
C ASN D 201 -0.22 -18.03 17.45
N ALA D 202 -0.38 -16.87 18.08
CA ALA D 202 -0.46 -16.78 19.53
C ALA D 202 -1.70 -17.47 20.09
N GLN D 203 -2.72 -17.62 19.23
CA GLN D 203 -4.00 -18.21 19.63
C GLN D 203 -4.08 -19.70 19.26
N GLY D 204 -2.93 -20.29 18.91
CA GLY D 204 -2.84 -21.71 18.59
C GLY D 204 -3.54 -22.09 17.30
N GLN D 205 -3.59 -21.13 16.38
CA GLN D 205 -4.30 -21.29 15.12
C GLN D 205 -3.33 -21.12 13.96
N PRO D 206 -3.43 -21.96 12.91
CA PRO D 206 -2.59 -21.76 11.73
C PRO D 206 -2.82 -20.37 11.13
N TRP D 207 -1.75 -19.67 10.81
CA TRP D 207 -1.82 -18.27 10.39
C TRP D 207 -2.92 -18.00 9.37
N ARG D 208 -3.76 -17.02 9.67
CA ARG D 208 -4.92 -16.70 8.85
C ARG D 208 -4.50 -15.82 7.68
N VAL D 209 -4.69 -16.34 6.46
CA VAL D 209 -4.45 -15.57 5.25
C VAL D 209 -5.76 -15.43 4.48
N ALA D 210 -6.24 -14.20 4.35
CA ALA D 210 -7.53 -13.92 3.74
C ALA D 210 -7.40 -13.50 2.27
N ILE D 211 -8.19 -14.13 1.42
CA ILE D 211 -8.25 -13.74 0.00
C ILE D 211 -9.61 -13.12 -0.30
N GLN D 212 -9.58 -11.95 -0.92
CA GLN D 212 -10.79 -11.22 -1.29
C GLN D 212 -11.61 -11.97 -2.33
N LYS D 213 -12.93 -11.95 -2.14
CA LYS D 213 -13.84 -12.64 -3.04
C LYS D 213 -15.04 -11.73 -3.36
N PRO D 214 -15.33 -11.51 -4.65
CA PRO D 214 -16.37 -10.61 -5.14
C PRO D 214 -17.71 -10.69 -4.40
N THR D 215 -18.33 -9.53 -4.20
CA THR D 215 -19.64 -9.38 -3.54
C THR D 215 -19.89 -10.34 -2.36
N GLN D 222 -14.58 -13.42 1.13
CA GLN D 222 -13.51 -13.72 2.09
C GLN D 222 -13.30 -15.24 2.24
N ALA D 223 -12.24 -15.75 1.60
CA ALA D 223 -11.83 -17.15 1.76
C ALA D 223 -10.52 -17.21 2.54
N ILE D 224 -10.48 -18.09 3.54
CA ILE D 224 -9.31 -18.18 4.42
C ILE D 224 -8.49 -19.44 4.13
N VAL D 225 -7.20 -19.24 3.89
CA VAL D 225 -6.29 -20.34 3.57
C VAL D 225 -5.20 -20.54 4.62
N ASP D 226 -4.60 -21.73 4.62
CA ASP D 226 -3.44 -22.05 5.46
C ASP D 226 -2.29 -22.42 4.53
N ILE D 227 -1.29 -21.55 4.47
CA ILE D 227 -0.17 -21.73 3.56
C ILE D 227 1.16 -21.96 4.28
N ASN D 228 1.08 -22.51 5.50
CA ASN D 228 2.27 -22.86 6.27
C ASN D 228 3.26 -23.69 5.43
N GLY D 229 4.52 -23.30 5.44
CA GLY D 229 5.57 -23.98 4.69
C GLY D 229 5.55 -23.70 3.20
N HIS D 230 4.66 -22.81 2.77
CA HIS D 230 4.54 -22.43 1.37
C HIS D 230 4.57 -20.90 1.21
N GLY D 231 4.46 -20.45 -0.03
CA GLY D 231 4.39 -19.03 -0.33
C GLY D 231 3.10 -18.68 -1.05
N ILE D 232 2.59 -17.48 -0.76
CA ILE D 232 1.38 -16.97 -1.42
C ILE D 232 1.63 -15.56 -1.96
N SER D 233 1.07 -15.27 -3.13
CA SER D 233 1.24 -13.97 -3.76
C SER D 233 0.04 -13.61 -4.63
N THR D 234 -0.31 -12.33 -4.64
CA THR D 234 -1.44 -11.86 -5.43
C THR D 234 -1.03 -10.73 -6.36
N SER D 235 -1.36 -10.91 -7.64
CA SER D 235 -1.19 -9.88 -8.65
C SER D 235 -2.56 -9.34 -9.02
N GLY D 236 -2.65 -8.02 -9.16
CA GLY D 236 -3.93 -7.37 -9.44
C GLY D 236 -4.74 -7.19 -8.16
N SER D 237 -5.67 -6.25 -8.19
CA SER D 237 -6.46 -5.92 -7.02
C SER D 237 -7.93 -5.73 -7.37
N TYR D 238 -8.77 -6.62 -6.86
CA TYR D 238 -10.21 -6.56 -7.05
C TYR D 238 -10.81 -5.38 -6.27
N ARG D 239 -10.36 -5.22 -5.03
CA ARG D 239 -10.84 -4.17 -4.13
C ARG D 239 -10.60 -2.77 -4.71
N ASN D 240 -9.49 -2.61 -5.42
CA ASN D 240 -9.21 -1.39 -6.16
C ASN D 240 -10.12 -1.24 -7.38
N TYR D 241 -10.32 -2.34 -8.11
CA TYR D 241 -11.15 -2.35 -9.31
C TYR D 241 -12.60 -2.00 -8.97
N TYR D 242 -13.08 -2.55 -7.86
CA TYR D 242 -14.44 -2.33 -7.41
C TYR D 242 -14.66 -0.87 -6.97
N GLU D 243 -13.64 -0.29 -6.36
CA GLU D 243 -13.71 1.07 -5.84
C GLU D 243 -13.55 2.11 -6.95
N LEU D 244 -12.60 1.85 -7.85
CA LEU D 244 -12.25 2.80 -8.91
C LEU D 244 -13.01 2.53 -10.21
N ASP D 245 -13.84 1.49 -10.22
CA ASP D 245 -14.67 1.13 -11.37
C ASP D 245 -13.84 0.94 -12.66
N GLY D 246 -12.71 0.24 -12.51
CA GLY D 246 -11.79 0.01 -13.61
C GLY D 246 -10.37 -0.19 -13.11
N LYS D 247 -9.40 -0.16 -14.03
CA LYS D 247 -8.00 -0.29 -13.66
C LYS D 247 -7.08 0.56 -14.54
N ARG D 248 -5.96 0.99 -13.95
CA ARG D 248 -4.96 1.80 -14.65
C ARG D 248 -4.35 1.05 -15.85
N VAL D 249 -3.67 1.80 -16.71
CA VAL D 249 -2.85 1.20 -17.74
C VAL D 249 -1.83 0.34 -17.01
N SER D 250 -1.79 -0.95 -17.36
CA SER D 250 -1.00 -1.93 -16.62
C SER D 250 0.50 -1.70 -16.77
N HIS D 251 1.22 -1.96 -15.69
CA HIS D 251 2.68 -1.87 -15.68
C HIS D 251 3.31 -3.22 -16.05
N VAL D 252 2.46 -4.22 -16.27
CA VAL D 252 2.89 -5.51 -16.77
C VAL D 252 2.79 -5.51 -18.30
N ILE D 253 3.92 -5.76 -18.95
CA ILE D 253 4.02 -5.74 -20.41
C ILE D 253 3.86 -7.15 -20.98
N ASP D 254 3.23 -7.23 -22.16
CA ASP D 254 3.16 -8.45 -22.93
C ASP D 254 4.36 -8.46 -23.90
N PRO D 255 5.38 -9.31 -23.63
CA PRO D 255 6.58 -9.35 -24.47
C PRO D 255 6.30 -9.76 -25.92
N GLN D 256 5.16 -10.42 -26.13
CA GLN D 256 4.70 -10.82 -27.45
C GLN D 256 4.34 -9.60 -28.31
N THR D 257 3.75 -8.59 -27.68
CA THR D 257 3.32 -7.36 -28.38
C THR D 257 4.21 -6.16 -28.08
N GLY D 258 4.81 -6.14 -26.90
CA GLY D 258 5.64 -5.03 -26.46
C GLY D 258 4.85 -3.89 -25.81
N ARG D 259 3.58 -4.17 -25.52
CA ARG D 259 2.67 -3.17 -24.95
C ARG D 259 2.05 -3.68 -23.65
N PRO D 260 1.48 -2.77 -22.83
CA PRO D 260 0.77 -3.17 -21.61
C PRO D 260 -0.37 -4.16 -21.89
N ILE D 261 -0.52 -5.15 -21.03
CA ILE D 261 -1.54 -6.18 -21.16
C ILE D 261 -2.96 -5.62 -21.07
N GLU D 262 -3.87 -6.23 -21.83
CA GLU D 262 -5.26 -5.80 -21.88
C GLU D 262 -6.17 -7.01 -21.71
N HIS D 263 -6.54 -7.31 -20.47
CA HIS D 263 -7.33 -8.50 -20.17
C HIS D 263 -8.43 -8.24 -19.14
N ASN D 264 -9.50 -9.02 -19.23
CA ASN D 264 -10.58 -8.99 -18.26
C ASN D 264 -10.25 -9.75 -16.97
N LEU D 265 -9.09 -10.40 -16.96
CA LEU D 265 -8.56 -11.01 -15.75
C LEU D 265 -8.15 -9.91 -14.79
N VAL D 266 -8.80 -9.87 -13.63
CA VAL D 266 -8.61 -8.79 -12.65
C VAL D 266 -7.51 -9.11 -11.64
N SER D 267 -7.53 -10.31 -11.09
CA SER D 267 -6.59 -10.72 -10.05
C SER D 267 -6.18 -12.19 -10.15
N VAL D 268 -4.94 -12.48 -9.82
CA VAL D 268 -4.45 -13.87 -9.75
C VAL D 268 -3.68 -14.14 -8.45
N THR D 269 -4.17 -15.08 -7.66
CA THR D 269 -3.50 -15.50 -6.44
C THR D 269 -2.91 -16.90 -6.64
N VAL D 270 -1.62 -17.05 -6.31
CA VAL D 270 -0.90 -18.31 -6.51
C VAL D 270 -0.32 -18.81 -5.18
N ILE D 271 -0.57 -20.08 -4.88
CA ILE D 271 0.11 -20.75 -3.78
C ILE D 271 1.14 -21.72 -4.36
N ALA D 272 2.41 -21.49 -4.02
CA ALA D 272 3.52 -22.27 -4.54
C ALA D 272 4.46 -22.69 -3.40
N PRO D 273 5.32 -23.70 -3.64
CA PRO D 273 6.32 -24.12 -2.64
C PRO D 273 7.11 -22.95 -2.03
N THR D 274 7.42 -21.94 -2.84
CA THR D 274 8.08 -20.72 -2.34
C THR D 274 7.27 -19.48 -2.69
N ALA D 275 7.50 -18.40 -1.97
CA ALA D 275 6.90 -17.10 -2.28
C ALA D 275 7.47 -16.52 -3.58
N LEU D 276 8.74 -16.85 -3.84
CA LEU D 276 9.42 -16.45 -5.08
C LEU D 276 8.69 -16.97 -6.32
N GLU D 277 8.29 -18.24 -6.28
CA GLU D 277 7.58 -18.86 -7.39
C GLU D 277 6.17 -18.30 -7.55
N ALA D 278 5.47 -18.12 -6.43
CA ALA D 278 4.13 -17.54 -6.43
C ALA D 278 4.12 -16.14 -7.05
N ASP D 279 5.10 -15.34 -6.67
CA ASP D 279 5.29 -13.99 -7.20
C ASP D 279 5.58 -14.00 -8.71
N GLY D 280 6.27 -15.02 -9.18
CA GLY D 280 6.61 -15.17 -10.59
C GLY D 280 5.48 -15.72 -11.42
N TRP D 281 4.69 -16.62 -10.84
CA TRP D 281 3.58 -17.26 -11.55
C TRP D 281 2.41 -16.32 -11.82
N ASP D 282 2.00 -15.54 -10.83
CA ASP D 282 0.82 -14.69 -10.96
C ASP D 282 0.97 -13.60 -12.03
N THR D 283 2.20 -13.12 -12.22
CA THR D 283 2.50 -12.15 -13.28
C THR D 283 2.38 -12.79 -14.66
N GLY D 284 3.02 -13.95 -14.83
CA GLY D 284 2.94 -14.70 -16.07
C GLY D 284 1.50 -15.08 -16.41
N LEU D 285 0.75 -15.47 -15.39
CA LEU D 285 -0.66 -15.84 -15.53
C LEU D 285 -1.52 -14.66 -15.95
N MET D 286 -1.16 -13.47 -15.46
CA MET D 286 -1.87 -12.24 -15.80
C MET D 286 -1.65 -11.80 -17.25
N VAL D 287 -0.45 -12.06 -17.76
CA VAL D 287 -0.12 -11.73 -19.16
C VAL D 287 -0.90 -12.63 -20.12
N LEU D 288 -1.01 -13.91 -19.78
CA LEU D 288 -1.66 -14.91 -20.62
C LEU D 288 -3.17 -14.69 -20.77
N GLY D 289 -3.82 -14.19 -19.71
CA GLY D 289 -5.26 -14.01 -19.71
C GLY D 289 -5.98 -15.23 -19.19
N THR D 290 -7.28 -15.12 -18.97
CA THR D 290 -8.08 -16.17 -18.34
C THR D 290 -7.94 -17.56 -18.97
N GLN D 291 -8.22 -17.68 -20.27
CA GLN D 291 -8.22 -18.98 -20.94
C GLN D 291 -6.86 -19.66 -21.00
N LYS D 292 -5.83 -18.91 -21.39
CA LYS D 292 -4.46 -19.45 -21.48
C LYS D 292 -3.86 -19.72 -20.12
N ALA D 293 -4.19 -18.90 -19.13
CA ALA D 293 -3.72 -19.10 -17.75
C ALA D 293 -4.27 -20.39 -17.17
N GLN D 294 -5.57 -20.62 -17.35
CA GLN D 294 -6.24 -21.83 -16.86
C GLN D 294 -5.68 -23.11 -17.48
N GLU D 295 -5.28 -23.03 -18.75
CA GLU D 295 -4.64 -24.16 -19.43
C GLU D 295 -3.26 -24.47 -18.85
N VAL D 296 -2.52 -23.42 -18.48
CA VAL D 296 -1.21 -23.53 -17.84
C VAL D 296 -1.33 -24.07 -16.42
N VAL D 297 -2.33 -23.56 -15.68
CA VAL D 297 -2.60 -24.01 -14.31
C VAL D 297 -2.94 -25.49 -14.27
N ARG D 298 -3.82 -25.93 -15.17
CA ARG D 298 -4.25 -27.33 -15.22
C ARG D 298 -3.09 -28.25 -15.58
N ARG D 299 -2.24 -27.80 -16.50
CA ARG D 299 -1.10 -28.56 -16.95
C ARG D 299 0.00 -28.71 -15.89
N GLU D 300 0.41 -27.59 -15.30
CA GLU D 300 1.48 -27.59 -14.30
C GLU D 300 0.99 -28.02 -12.92
N GLY D 301 -0.32 -28.13 -12.75
CA GLY D 301 -0.91 -28.54 -11.48
C GLY D 301 -0.71 -27.50 -10.40
N LEU D 302 -1.02 -26.25 -10.72
CA LEU D 302 -0.79 -25.13 -9.80
C LEU D 302 -2.00 -24.83 -8.92
N ALA D 303 -1.73 -24.37 -7.70
CA ALA D 303 -2.77 -23.90 -6.80
C ALA D 303 -3.05 -22.44 -7.11
N VAL D 304 -4.19 -22.18 -7.77
CA VAL D 304 -4.49 -20.85 -8.29
C VAL D 304 -5.95 -20.43 -8.04
N PHE D 305 -6.11 -19.17 -7.64
CA PHE D 305 -7.42 -18.55 -7.52
C PHE D 305 -7.43 -17.24 -8.30
N MET D 306 -8.35 -17.12 -9.24
CA MET D 306 -8.43 -15.94 -10.09
C MET D 306 -9.80 -15.28 -10.10
N ILE D 307 -9.79 -13.95 -10.24
CA ILE D 307 -11.01 -13.13 -10.37
C ILE D 307 -11.01 -12.49 -11.75
N MET D 308 -12.14 -12.60 -12.44
CA MET D 308 -12.28 -12.02 -13.78
C MET D 308 -13.51 -11.13 -13.91
N LYS D 309 -13.35 -10.05 -14.66
CA LYS D 309 -14.42 -9.09 -14.94
C LYS D 309 -15.40 -9.69 -15.95
N GLU D 310 -16.69 -9.38 -15.75
CA GLU D 310 -17.74 -9.78 -16.68
C GLU D 310 -18.65 -8.60 -17.00
N GLY D 311 -19.94 -8.83 -17.21
CA GLY D 311 -20.88 -7.76 -17.52
C GLY D 311 -21.24 -6.93 -16.30
N GLU D 312 -20.37 -5.98 -15.95
CA GLU D 312 -20.51 -5.13 -14.75
C GLU D 312 -20.37 -5.91 -13.44
N GLY D 313 -20.47 -7.24 -13.54
CA GLY D 313 -20.25 -8.14 -12.41
C GLY D 313 -18.90 -8.85 -12.50
N PHE D 314 -18.65 -9.73 -11.54
CA PHE D 314 -17.39 -10.47 -11.48
C PHE D 314 -17.66 -11.96 -11.31
N LYS D 315 -16.69 -12.79 -11.69
CA LYS D 315 -16.75 -14.22 -11.39
C LYS D 315 -15.37 -14.78 -11.03
N THR D 316 -15.37 -15.89 -10.31
CA THR D 316 -14.12 -16.45 -9.78
C THR D 316 -13.87 -17.88 -10.28
N TRP D 317 -12.60 -18.26 -10.27
CA TRP D 317 -12.20 -19.63 -10.63
C TRP D 317 -11.09 -20.10 -9.69
N MET D 318 -11.22 -21.35 -9.24
CA MET D 318 -10.30 -21.92 -8.27
C MET D 318 -9.88 -23.31 -8.72
N SER D 319 -8.57 -23.52 -8.83
CA SER D 319 -8.03 -24.82 -9.21
C SER D 319 -8.11 -25.79 -8.02
N PRO D 320 -8.30 -27.10 -8.30
CA PRO D 320 -8.44 -28.09 -7.23
C PRO D 320 -7.31 -28.02 -6.20
N GLN D 321 -6.08 -27.77 -6.67
CA GLN D 321 -4.90 -27.70 -5.81
C GLN D 321 -4.97 -26.53 -4.82
N PHE D 322 -5.67 -25.46 -5.19
CA PHE D 322 -5.86 -24.31 -4.32
C PHE D 322 -6.77 -24.67 -3.15
N LYS D 323 -7.82 -25.44 -3.44
CA LYS D 323 -8.83 -25.83 -2.45
C LYS D 323 -8.23 -26.67 -1.32
N THR D 324 -7.10 -27.33 -1.60
CA THR D 324 -6.33 -28.08 -0.62
C THR D 324 -5.95 -27.22 0.60
N PHE D 325 -5.62 -25.96 0.33
CA PHE D 325 -5.10 -25.04 1.34
C PHE D 325 -6.20 -24.28 2.09
N LEU D 326 -7.44 -24.39 1.62
CA LEU D 326 -8.58 -23.74 2.25
C LEU D 326 -8.81 -24.27 3.66
N VAL D 327 -9.15 -23.35 4.56
CA VAL D 327 -9.49 -23.71 5.95
C VAL D 327 -11.00 -23.67 6.11
N SER D 328 -11.55 -24.75 6.64
CA SER D 328 -12.95 -24.77 7.06
C SER D 328 -13.02 -24.61 8.57
N ASP D 329 -14.19 -24.24 9.09
CA ASP D 329 -14.38 -24.05 10.53
C ASP D 329 -14.41 -25.38 11.28
#